data_3FED
#
_entry.id   3FED
#
_cell.length_a   122.731
_cell.length_b   104.086
_cell.length_c   77.634
_cell.angle_alpha   90.00
_cell.angle_beta   108.19
_cell.angle_gamma   90.00
#
_symmetry.space_group_name_H-M   'C 1 2 1'
#
loop_
_entity.id
_entity.type
_entity.pdbx_description
1 polymer 'Glutamate carboxypeptidase III'
2 branched 2-acetamido-2-deoxy-beta-D-glucopyranose-(1-4)-2-acetamido-2-deoxy-beta-D-glucopyranose
3 non-polymer 2-acetamido-2-deoxy-beta-D-glucopyranose
4 non-polymer 'ZINC ION'
5 non-polymer 'CHLORIDE ION'
6 non-polymer 'CALCIUM ION'
7 non-polymer '(2S)-2-{[(S)-[(3S)-3-amino-3-carboxypropyl](hydroxy)phosphoryl]methyl}pentanedioic acid'
8 water water
#
_entity_poly.entity_id   1
_entity_poly.type   'polypeptide(L)'
_entity_poly.pdbx_seq_one_letter_code
;RSETTTSVRYHQSIRWKLVSEMKAENIKSFLRSFTKLPHLAGTEQNFLLAKKIQTQWKKFGLDSAKLVHYDVLLSYPNET
NANYISIVDEHETEIFKTSYLEPPPDGYENVTNIVPPYNAFSAQGMPEGDLVYVNYARTEDFFKLEREMGINCTGKIVIA
RYGKIFRGNKVKNAMLAGAIGIILYSDPADYFAPEVQPYPKGWNLPGTAAQRGNVLNLNGAGDPLTPGYPAKEYTFRLDV
EEGVGIPRIPVHPIGYNDAEILLRYLGGIAPPDKSWKGALNVSYSIGPGFTGSDSFRKVRMHVYNINKITRIYNVVGTIR
GSVEPDRYVILGGHRDSWVFGAIDPTSGVAVLQEIARSFGKLMSKGWRPRRTIIFASWDAEEFGLLGSTEWAEENVKILQ
ERSIAYINSDSSIEGNYTLRVDCTPLLYQLVYKLTKEIPSPDDGFESKSLYESWLEKDPSPENKNLPRINKLGSGSDFEA
YFQRLGIASGRARYTKNKKTDKYSSYPVYHTIYETFELVEKFYDPTFKKQLSVAQLRGALVYELVDSKIIPFNIQDYAEA
LKNYAASIYNLSKKHDQQLTDHGVSFDSLFSAVKNFSEAASDFHKRLIQVDLNNPIAVRMMNDQLMLLERAFIDPLGLPG
KLFYRHIIFAPSSHNKYAGESFPGIYDAIFDIENKANSRLAWKEVKKHISIAAFTIQAAAGTLKEVL
;
_entity_poly.pdbx_strand_id   A
#
# COMPACT_ATOMS: atom_id res chain seq x y z
N SER A 13 21.64 23.08 14.27
CA SER A 13 20.24 22.92 14.77
C SER A 13 19.98 21.51 15.32
N ILE A 14 18.89 21.37 16.06
CA ILE A 14 18.51 20.06 16.59
C ILE A 14 18.19 19.12 15.40
N ARG A 15 17.53 19.66 14.35
CA ARG A 15 17.21 18.79 13.23
C ARG A 15 18.51 18.26 12.60
N TRP A 16 19.54 19.11 12.47
CA TRP A 16 20.75 18.63 11.90
C TRP A 16 21.40 17.57 12.79
N LYS A 17 21.35 17.74 14.11
CA LYS A 17 21.86 16.71 15.03
C LYS A 17 21.10 15.37 14.84
N LEU A 18 19.79 15.44 14.68
CA LEU A 18 19.01 14.21 14.48
C LEU A 18 19.46 13.50 13.19
N VAL A 19 19.54 14.25 12.10
CA VAL A 19 19.85 13.70 10.78
C VAL A 19 21.30 13.19 10.73
N SER A 20 22.23 13.97 11.27
CA SER A 20 23.64 13.61 11.12
CA SER A 20 23.66 13.64 11.15
C SER A 20 24.06 12.49 12.05
N GLU A 21 23.29 12.22 13.10
CA GLU A 21 23.60 11.12 14.00
CA GLU A 21 23.57 11.12 14.01
C GLU A 21 23.27 9.77 13.37
N MET A 22 22.32 9.76 12.43
CA MET A 22 21.97 8.51 11.75
C MET A 22 23.11 7.99 10.90
N LYS A 23 23.36 6.67 10.89
CA LYS A 23 24.50 6.12 10.14
C LYS A 23 24.08 4.96 9.26
N ALA A 24 24.60 4.94 8.04
CA ALA A 24 24.38 3.83 7.13
C ALA A 24 24.77 2.50 7.78
N GLU A 25 25.92 2.47 8.48
CA GLU A 25 26.39 1.18 9.03
C GLU A 25 25.42 0.65 10.08
N ASN A 26 24.75 1.57 10.82
CA ASN A 26 23.79 1.11 11.79
C ASN A 26 22.54 0.54 11.14
N ILE A 27 22.05 1.17 10.07
CA ILE A 27 20.93 0.61 9.33
C ILE A 27 21.31 -0.80 8.82
N LYS A 28 22.55 -0.96 8.33
CA LYS A 28 22.97 -2.24 7.79
CA LYS A 28 23.00 -2.25 7.80
C LYS A 28 23.00 -3.30 8.91
N SER A 29 23.51 -2.93 10.06
CA SER A 29 23.57 -3.88 11.17
CA SER A 29 23.58 -3.86 11.19
C SER A 29 22.18 -4.27 11.65
N PHE A 30 21.28 -3.27 11.77
CA PHE A 30 19.89 -3.63 12.14
C PHE A 30 19.31 -4.57 11.09
N LEU A 31 19.48 -4.25 9.80
CA LEU A 31 18.82 -5.06 8.77
C LEU A 31 19.36 -6.50 8.85
N ARG A 32 20.68 -6.69 9.01
CA ARG A 32 21.20 -8.05 9.05
C ARG A 32 20.59 -8.77 10.26
N SER A 33 20.44 -8.07 11.40
CA SER A 33 19.97 -8.74 12.61
C SER A 33 18.51 -9.16 12.55
N PHE A 34 17.74 -8.56 11.66
N PHE A 34 17.70 -8.50 11.72
CA PHE A 34 16.29 -8.81 11.61
CA PHE A 34 16.25 -8.76 11.62
C PHE A 34 15.87 -9.73 10.47
C PHE A 34 15.86 -9.57 10.36
N THR A 35 16.84 -10.14 9.65
CA THR A 35 16.54 -10.85 8.40
C THR A 35 17.16 -12.26 8.37
N LYS A 36 17.58 -12.78 9.52
CA LYS A 36 18.17 -14.13 9.50
C LYS A 36 17.17 -15.27 9.36
N LEU A 37 15.94 -15.01 9.80
CA LEU A 37 14.90 -16.04 9.85
C LEU A 37 13.62 -15.45 9.31
N PRO A 38 12.71 -16.27 8.81
CA PRO A 38 11.38 -15.75 8.41
C PRO A 38 10.66 -15.18 9.59
N HIS A 39 9.84 -14.16 9.34
CA HIS A 39 9.08 -13.51 10.42
C HIS A 39 7.65 -13.19 9.96
N LEU A 40 6.95 -14.25 9.63
CA LEU A 40 5.53 -14.24 9.23
C LEU A 40 4.64 -13.82 10.38
N ALA A 41 3.61 -13.02 10.13
CA ALA A 41 2.70 -12.66 11.19
C ALA A 41 2.10 -13.86 11.86
N GLY A 42 1.97 -13.77 13.18
CA GLY A 42 1.33 -14.79 13.99
C GLY A 42 2.26 -15.93 14.37
N THR A 43 3.53 -15.88 13.96
CA THR A 43 4.50 -16.91 14.26
C THR A 43 5.42 -16.48 15.39
N GLU A 44 6.04 -17.46 16.03
CA GLU A 44 6.91 -17.17 17.16
C GLU A 44 8.04 -16.21 16.79
N GLN A 45 8.64 -16.36 15.60
CA GLN A 45 9.76 -15.47 15.29
CA GLN A 45 9.72 -15.49 15.18
C GLN A 45 9.32 -14.02 15.18
N ASN A 46 8.12 -13.73 14.67
CA ASN A 46 7.74 -12.34 14.58
C ASN A 46 7.37 -11.77 15.96
N PHE A 47 6.98 -12.59 16.92
CA PHE A 47 6.83 -12.15 18.31
C PHE A 47 8.20 -11.87 18.92
N LEU A 48 9.16 -12.76 18.69
CA LEU A 48 10.51 -12.49 19.19
C LEU A 48 11.09 -11.21 18.61
N LEU A 49 10.79 -10.90 17.35
CA LEU A 49 11.28 -9.67 16.78
C LEU A 49 10.58 -8.47 17.43
N ALA A 50 9.29 -8.60 17.79
CA ALA A 50 8.64 -7.52 18.54
C ALA A 50 9.33 -7.27 19.84
N LYS A 51 9.63 -8.32 20.61
N LYS A 51 9.72 -8.36 20.52
CA LYS A 51 10.24 -8.09 21.93
CA LYS A 51 10.46 -8.24 21.78
C LYS A 51 11.62 -7.47 21.80
C LYS A 51 11.82 -7.57 21.58
N LYS A 52 12.35 -7.86 20.77
N LYS A 52 12.53 -7.91 20.52
CA LYS A 52 13.66 -7.28 20.47
CA LYS A 52 13.82 -7.27 20.24
C LYS A 52 13.55 -5.78 20.18
C LYS A 52 13.66 -5.77 20.03
N ILE A 53 12.61 -5.39 19.29
CA ILE A 53 12.37 -3.96 19.02
C ILE A 53 12.00 -3.25 20.32
N GLN A 54 11.15 -3.85 21.16
CA GLN A 54 10.77 -3.24 22.42
C GLN A 54 11.99 -3.01 23.31
N THR A 55 12.83 -4.04 23.45
CA THR A 55 14.05 -3.91 24.28
C THR A 55 14.91 -2.77 23.76
N GLN A 56 15.06 -2.70 22.43
CA GLN A 56 15.87 -1.63 21.85
C GLN A 56 15.27 -0.26 22.13
N TRP A 57 13.95 -0.07 21.98
CA TRP A 57 13.37 1.24 22.27
C TRP A 57 13.56 1.64 23.72
N LYS A 58 13.50 0.69 24.64
CA LYS A 58 13.76 1.04 26.03
C LYS A 58 15.21 1.47 26.21
N LYS A 59 16.14 0.77 25.57
CA LYS A 59 17.58 1.17 25.66
C LYS A 59 17.81 2.54 25.09
N PHE A 60 17.12 2.86 23.98
CA PHE A 60 17.25 4.17 23.35
C PHE A 60 16.77 5.31 24.23
N GLY A 61 15.89 5.02 25.19
CA GLY A 61 15.42 5.99 26.15
C GLY A 61 14.00 6.46 25.86
N LEU A 62 13.24 5.72 25.06
CA LEU A 62 11.82 6.11 24.92
C LEU A 62 11.10 6.07 26.26
N ASP A 63 10.05 6.87 26.42
CA ASP A 63 9.32 6.90 27.67
C ASP A 63 8.53 5.63 27.91
N SER A 64 8.10 4.96 26.85
CA SER A 64 7.36 3.73 26.96
C SER A 64 7.62 2.91 25.72
N ALA A 65 7.41 1.61 25.87
CA ALA A 65 7.50 0.67 24.73
C ALA A 65 6.76 -0.58 25.13
N LYS A 66 5.52 -0.72 24.63
CA LYS A 66 4.61 -1.77 25.10
C LYS A 66 4.17 -2.66 23.95
N LEU A 67 3.93 -3.93 24.21
CA LEU A 67 3.28 -4.77 23.23
C LEU A 67 1.79 -4.62 23.36
N VAL A 68 1.11 -4.44 22.23
CA VAL A 68 -0.37 -4.27 22.22
C VAL A 68 -0.88 -5.34 21.29
N HIS A 69 -1.69 -6.28 21.80
CA HIS A 69 -2.09 -7.45 21.00
C HIS A 69 -3.55 -7.38 20.58
N TYR A 70 -3.83 -8.10 19.48
CA TYR A 70 -5.20 -8.31 19.01
C TYR A 70 -5.30 -9.75 18.54
N ASP A 71 -6.51 -10.28 18.47
CA ASP A 71 -6.73 -11.69 17.96
C ASP A 71 -7.53 -11.58 16.68
N VAL A 72 -6.86 -11.80 15.53
CA VAL A 72 -7.44 -11.47 14.24
C VAL A 72 -7.43 -12.72 13.35
N LEU A 73 -8.28 -12.69 12.33
CA LEU A 73 -8.28 -13.84 11.40
C LEU A 73 -7.04 -13.80 10.49
N LEU A 74 -6.19 -14.86 10.55
CA LEU A 74 -5.08 -15.03 9.63
C LEU A 74 -5.33 -16.28 8.79
N SER A 75 -4.44 -16.56 7.87
CA SER A 75 -4.64 -17.67 6.92
C SER A 75 -3.30 -18.29 6.61
N TYR A 76 -3.20 -19.63 6.62
CA TYR A 76 -1.95 -20.30 6.38
C TYR A 76 -2.20 -21.57 5.60
N PRO A 77 -1.21 -22.08 4.85
CA PRO A 77 -1.43 -23.39 4.20
C PRO A 77 -1.56 -24.48 5.25
N ASN A 78 -2.23 -25.55 4.86
CA ASN A 78 -2.34 -26.75 5.69
C ASN A 78 -1.14 -27.62 5.42
N GLU A 79 -0.29 -27.88 6.41
N GLU A 79 -0.40 -27.89 6.48
CA GLU A 79 0.93 -28.67 6.17
CA GLU A 79 0.87 -28.61 6.44
C GLU A 79 0.61 -30.08 5.68
C GLU A 79 0.70 -30.08 6.07
N THR A 80 -0.53 -30.59 6.08
CA THR A 80 -0.83 -32.00 5.69
C THR A 80 -1.86 -32.13 4.55
N ASN A 81 -2.15 -31.01 3.89
CA ASN A 81 -3.01 -31.04 2.68
C ASN A 81 -2.48 -29.94 1.76
N ALA A 82 -1.37 -30.19 1.08
CA ALA A 82 -0.67 -29.16 0.32
C ALA A 82 -1.47 -28.68 -0.89
N ASN A 83 -1.30 -27.41 -1.21
CA ASN A 83 -1.95 -26.81 -2.38
C ASN A 83 -1.23 -27.16 -3.67
N TYR A 84 -1.97 -27.26 -4.78
CA TYR A 84 -1.33 -27.44 -6.09
C TYR A 84 -2.32 -27.16 -7.18
N ILE A 85 -1.79 -27.04 -8.40
CA ILE A 85 -2.61 -26.96 -9.61
C ILE A 85 -2.19 -28.17 -10.43
N SER A 86 -3.14 -28.79 -11.14
CA SER A 86 -2.76 -29.91 -12.01
C SER A 86 -3.45 -29.79 -13.33
N ILE A 87 -2.93 -30.57 -14.28
CA ILE A 87 -3.59 -30.77 -15.58
C ILE A 87 -3.94 -32.25 -15.64
N VAL A 88 -5.20 -32.53 -16.01
CA VAL A 88 -5.64 -33.92 -16.11
C VAL A 88 -6.08 -34.18 -17.55
N ASP A 89 -6.02 -35.45 -17.94
CA ASP A 89 -6.47 -35.88 -19.27
C ASP A 89 -7.94 -36.29 -19.18
N GLU A 90 -8.49 -36.81 -20.26
CA GLU A 90 -9.92 -37.12 -20.22
C GLU A 90 -10.22 -38.38 -19.41
N HIS A 91 -9.19 -39.07 -18.98
CA HIS A 91 -9.34 -40.30 -18.18
C HIS A 91 -9.09 -40.03 -16.73
N GLU A 92 -9.04 -38.74 -16.38
CA GLU A 92 -8.76 -38.27 -15.01
C GLU A 92 -7.33 -38.50 -14.51
N THR A 93 -6.44 -38.81 -15.41
CA THR A 93 -5.05 -39.03 -15.00
C THR A 93 -4.33 -37.67 -14.91
N GLU A 94 -3.63 -37.46 -13.81
CA GLU A 94 -2.82 -36.28 -13.64
C GLU A 94 -1.61 -36.35 -14.53
N ILE A 95 -1.47 -35.36 -15.41
CA ILE A 95 -0.38 -35.32 -16.35
C ILE A 95 0.70 -34.35 -15.88
N PHE A 96 0.32 -33.32 -15.12
CA PHE A 96 1.26 -32.32 -14.66
C PHE A 96 0.71 -31.83 -13.33
N LYS A 97 1.64 -31.49 -12.46
N LYS A 97 1.56 -31.62 -12.35
CA LYS A 97 1.35 -30.85 -11.18
CA LYS A 97 1.08 -31.16 -11.02
C LYS A 97 2.38 -29.72 -10.92
C LYS A 97 2.18 -30.33 -10.38
N THR A 98 1.88 -28.57 -10.49
N THR A 98 1.87 -29.15 -9.84
CA THR A 98 2.72 -27.44 -10.11
CA THR A 98 2.91 -28.31 -9.33
C THR A 98 3.35 -27.72 -8.76
C THR A 98 3.45 -28.93 -8.03
N SER A 99 4.50 -27.09 -8.49
N SER A 99 4.58 -28.45 -7.56
CA SER A 99 5.37 -27.49 -7.37
CA SER A 99 4.85 -28.68 -6.13
C SER A 99 6.24 -26.34 -6.90
C SER A 99 5.11 -27.41 -5.36
N PRO A 103 14.37 -25.27 -2.24
CA PRO A 103 15.17 -25.14 -1.04
C PRO A 103 15.29 -23.67 -0.67
N PRO A 104 15.64 -23.40 0.58
CA PRO A 104 15.91 -22.02 0.95
C PRO A 104 17.07 -21.44 0.13
N PRO A 105 17.21 -20.09 0.07
CA PRO A 105 18.33 -19.46 -0.66
C PRO A 105 19.68 -19.88 -0.08
N ASP A 106 20.74 -19.77 -0.88
CA ASP A 106 22.08 -20.11 -0.42
C ASP A 106 22.43 -19.40 0.87
N GLY A 107 22.92 -20.14 1.87
CA GLY A 107 23.21 -19.58 3.18
C GLY A 107 22.13 -19.87 4.20
N TYR A 108 20.94 -20.25 3.73
CA TYR A 108 19.78 -20.41 4.61
C TYR A 108 19.29 -21.86 4.56
N GLU A 109 20.20 -22.79 4.29
CA GLU A 109 19.81 -24.18 4.04
C GLU A 109 19.18 -24.81 5.28
N ASN A 110 19.55 -24.32 6.46
CA ASN A 110 18.99 -24.88 7.68
C ASN A 110 17.69 -24.24 8.17
N VAL A 111 17.12 -23.31 7.40
CA VAL A 111 15.86 -22.67 7.80
C VAL A 111 14.71 -23.60 7.42
N THR A 112 13.87 -23.92 8.41
N THR A 112 13.87 -23.98 8.39
CA THR A 112 12.91 -25.00 8.26
CA THR A 112 12.88 -25.06 8.15
C THR A 112 11.49 -24.56 7.91
C THR A 112 11.42 -24.66 8.24
N ASN A 113 11.14 -23.38 8.41
CA ASN A 113 9.74 -22.92 8.45
C ASN A 113 9.43 -21.81 7.45
N ILE A 114 10.02 -21.87 6.29
CA ILE A 114 9.58 -20.97 5.19
C ILE A 114 8.18 -21.39 4.76
N VAL A 115 7.24 -20.43 4.72
CA VAL A 115 5.88 -20.79 4.34
C VAL A 115 5.88 -21.02 2.81
N PRO A 116 5.26 -22.11 2.34
CA PRO A 116 5.24 -22.28 0.88
C PRO A 116 4.38 -21.22 0.19
N PRO A 117 4.54 -21.07 -1.12
CA PRO A 117 3.73 -20.04 -1.77
C PRO A 117 2.23 -20.35 -1.65
N TYR A 118 1.46 -19.30 -1.39
CA TYR A 118 0.01 -19.43 -1.30
C TYR A 118 -0.53 -18.02 -1.32
N ASN A 119 -1.84 -17.89 -1.52
CA ASN A 119 -2.49 -16.58 -1.40
C ASN A 119 -3.40 -16.60 -0.20
N ALA A 120 -3.01 -15.86 0.84
CA ALA A 120 -3.76 -15.86 2.07
C ALA A 120 -5.21 -15.42 1.84
N PHE A 121 -6.11 -16.18 2.45
CA PHE A 121 -7.58 -15.96 2.44
C PHE A 121 -8.26 -16.52 1.19
N SER A 122 -7.51 -17.18 0.31
CA SER A 122 -8.16 -17.95 -0.77
C SER A 122 -9.29 -18.81 -0.21
N ALA A 123 -10.39 -18.96 -0.94
CA ALA A 123 -11.38 -19.98 -0.56
C ALA A 123 -10.73 -21.38 -0.68
N GLN A 124 -11.34 -22.36 -0.01
CA GLN A 124 -10.93 -23.76 -0.22
C GLN A 124 -11.72 -24.34 -1.35
N GLY A 125 -11.09 -25.23 -2.10
CA GLY A 125 -11.86 -25.95 -3.10
C GLY A 125 -10.97 -26.72 -4.05
N MET A 126 -11.63 -27.52 -4.88
CA MET A 126 -10.98 -28.29 -5.94
C MET A 126 -11.71 -28.13 -7.25
N PRO A 127 -11.80 -26.91 -7.75
CA PRO A 127 -12.50 -26.70 -9.04
C PRO A 127 -11.73 -27.32 -10.17
N GLU A 128 -12.46 -27.75 -11.20
CA GLU A 128 -11.88 -28.30 -12.42
C GLU A 128 -12.59 -27.69 -13.59
N GLY A 129 -11.87 -27.31 -14.64
CA GLY A 129 -12.57 -26.78 -15.79
C GLY A 129 -11.59 -26.42 -16.89
N ASP A 130 -12.12 -25.74 -17.90
CA ASP A 130 -11.26 -25.23 -18.96
C ASP A 130 -10.54 -23.97 -18.47
N LEU A 131 -9.37 -23.73 -19.00
CA LEU A 131 -8.50 -22.63 -18.66
C LEU A 131 -8.68 -21.46 -19.65
N VAL A 132 -8.76 -20.24 -19.10
CA VAL A 132 -8.76 -18.98 -19.91
C VAL A 132 -7.70 -18.05 -19.39
N TYR A 133 -6.89 -17.49 -20.28
CA TYR A 133 -5.92 -16.48 -19.95
C TYR A 133 -6.53 -15.07 -19.99
N VAL A 134 -6.38 -14.34 -18.89
CA VAL A 134 -7.07 -13.07 -18.72
C VAL A 134 -6.14 -11.90 -18.56
N ASN A 135 -4.91 -12.00 -19.05
CA ASN A 135 -3.92 -10.90 -18.99
C ASN A 135 -3.71 -10.53 -17.52
N TYR A 136 -3.81 -9.26 -17.11
CA TYR A 136 -3.56 -8.88 -15.73
C TYR A 136 -4.83 -8.91 -14.88
N ALA A 137 -5.94 -9.44 -15.42
CA ALA A 137 -7.21 -9.51 -14.69
C ALA A 137 -7.64 -8.14 -14.19
N ARG A 138 -7.31 -7.09 -14.95
CA ARG A 138 -7.82 -5.75 -14.64
C ARG A 138 -9.25 -5.62 -15.10
N THR A 139 -9.94 -4.58 -14.61
CA THR A 139 -11.27 -4.28 -15.10
C THR A 139 -11.28 -4.17 -16.62
N GLU A 140 -10.31 -3.49 -17.21
CA GLU A 140 -10.32 -3.33 -18.67
C GLU A 140 -10.03 -4.62 -19.37
N ASP A 141 -9.30 -5.56 -18.76
CA ASP A 141 -9.08 -6.85 -19.42
C ASP A 141 -10.36 -7.67 -19.45
N PHE A 142 -11.15 -7.67 -18.36
CA PHE A 142 -12.42 -8.38 -18.39
C PHE A 142 -13.46 -7.68 -19.26
N PHE A 143 -13.43 -6.36 -19.33
CA PHE A 143 -14.30 -5.66 -20.31
C PHE A 143 -13.93 -6.14 -21.70
N LYS A 144 -12.64 -6.20 -22.04
CA LYS A 144 -12.25 -6.58 -23.39
C LYS A 144 -12.68 -8.01 -23.69
N LEU A 145 -12.51 -8.92 -22.73
CA LEU A 145 -12.92 -10.30 -22.93
C LEU A 145 -14.37 -10.44 -23.27
N GLU A 146 -15.21 -9.78 -22.50
CA GLU A 146 -16.68 -9.89 -22.65
C GLU A 146 -17.23 -9.07 -23.81
N ARG A 147 -16.70 -7.86 -24.01
CA ARG A 147 -17.31 -6.88 -24.93
C ARG A 147 -16.69 -6.89 -26.31
N GLU A 148 -15.47 -7.37 -26.44
CA GLU A 148 -14.77 -7.35 -27.73
C GLU A 148 -14.35 -8.71 -28.21
N MET A 149 -13.98 -9.62 -27.31
CA MET A 149 -13.29 -10.87 -27.72
C MET A 149 -14.19 -12.08 -27.74
N GLY A 150 -15.44 -11.95 -27.28
CA GLY A 150 -16.39 -13.07 -27.30
C GLY A 150 -16.11 -14.16 -26.27
N ILE A 151 -15.38 -13.85 -25.21
CA ILE A 151 -14.99 -14.86 -24.20
C ILE A 151 -15.89 -14.77 -23.00
N ASN A 152 -16.41 -15.91 -22.54
CA ASN A 152 -17.23 -15.94 -21.36
C ASN A 152 -16.47 -16.71 -20.31
N CYS A 153 -16.07 -16.04 -19.22
CA CYS A 153 -15.31 -16.67 -18.17
C CYS A 153 -16.16 -17.45 -17.18
N THR A 154 -17.49 -17.44 -17.34
CA THR A 154 -18.35 -18.15 -16.40
C THR A 154 -18.04 -19.63 -16.41
N GLY A 155 -17.68 -20.18 -15.24
CA GLY A 155 -17.40 -21.60 -15.06
C GLY A 155 -15.97 -22.00 -15.45
N LYS A 156 -15.13 -21.02 -15.78
CA LYS A 156 -13.75 -21.31 -16.20
C LYS A 156 -12.80 -21.13 -15.02
N ILE A 157 -11.66 -21.81 -15.10
CA ILE A 157 -10.50 -21.42 -14.28
C ILE A 157 -9.73 -20.40 -15.07
N VAL A 158 -9.45 -19.24 -14.49
CA VAL A 158 -8.69 -18.21 -15.20
C VAL A 158 -7.26 -18.19 -14.70
N ILE A 159 -6.34 -17.82 -15.59
CA ILE A 159 -4.96 -17.60 -15.25
C ILE A 159 -4.62 -16.16 -15.61
N ALA A 160 -4.09 -15.45 -14.59
CA ALA A 160 -3.75 -14.04 -14.72
C ALA A 160 -2.31 -13.83 -14.36
N ARG A 161 -1.67 -12.93 -15.08
CA ARG A 161 -0.33 -12.51 -14.64
C ARG A 161 -0.43 -11.45 -13.55
N TYR A 162 0.47 -11.57 -12.57
CA TYR A 162 0.67 -10.59 -11.55
C TYR A 162 1.12 -9.27 -12.20
N GLY A 163 0.88 -8.17 -11.52
CA GLY A 163 1.40 -6.92 -11.98
C GLY A 163 0.29 -5.93 -12.21
N LYS A 164 0.69 -4.65 -12.27
CA LYS A 164 -0.19 -3.50 -12.62
C LYS A 164 -1.13 -3.09 -11.52
N ILE A 165 -1.81 -4.05 -10.86
CA ILE A 165 -2.79 -3.73 -9.84
C ILE A 165 -2.66 -4.69 -8.67
N PHE A 166 -3.23 -4.32 -7.53
CA PHE A 166 -3.27 -5.22 -6.37
C PHE A 166 -3.96 -6.55 -6.70
N ARG A 167 -3.37 -7.64 -6.21
CA ARG A 167 -3.90 -8.97 -6.60
C ARG A 167 -5.31 -9.23 -6.08
N GLY A 168 -5.72 -8.62 -4.95
CA GLY A 168 -7.07 -8.81 -4.50
C GLY A 168 -8.07 -8.22 -5.49
N ASN A 169 -7.70 -7.14 -6.19
CA ASN A 169 -8.60 -6.62 -7.24
C ASN A 169 -8.73 -7.62 -8.39
N LYS A 170 -7.65 -8.32 -8.74
CA LYS A 170 -7.74 -9.35 -9.79
C LYS A 170 -8.75 -10.42 -9.39
N VAL A 171 -8.70 -10.85 -8.12
CA VAL A 171 -9.59 -11.88 -7.68
C VAL A 171 -11.04 -11.41 -7.64
N LYS A 172 -11.29 -10.18 -7.16
CA LYS A 172 -12.63 -9.62 -7.20
C LYS A 172 -13.14 -9.59 -8.62
N ASN A 173 -12.30 -9.16 -9.56
CA ASN A 173 -12.73 -9.08 -10.97
C ASN A 173 -13.02 -10.46 -11.53
N ALA A 174 -12.18 -11.45 -11.20
CA ALA A 174 -12.47 -12.81 -11.69
C ALA A 174 -13.73 -13.39 -11.12
N MET A 175 -14.03 -13.09 -9.85
CA MET A 175 -15.30 -13.51 -9.25
CA MET A 175 -15.30 -13.53 -9.28
C MET A 175 -16.47 -12.88 -10.00
N LEU A 176 -16.39 -11.58 -10.29
CA LEU A 176 -17.49 -10.86 -10.98
C LEU A 176 -17.70 -11.42 -12.39
N ALA A 177 -16.63 -11.92 -13.00
CA ALA A 177 -16.70 -12.48 -14.38
C ALA A 177 -17.18 -13.92 -14.39
N GLY A 178 -17.39 -14.51 -13.22
CA GLY A 178 -17.96 -15.84 -13.09
C GLY A 178 -16.94 -16.97 -13.03
N ALA A 179 -15.65 -16.65 -12.88
CA ALA A 179 -14.68 -17.71 -12.82
C ALA A 179 -14.89 -18.56 -11.56
N ILE A 180 -14.43 -19.81 -11.64
CA ILE A 180 -14.52 -20.74 -10.49
C ILE A 180 -13.20 -20.90 -9.76
N GLY A 181 -12.15 -20.28 -10.27
CA GLY A 181 -10.84 -20.31 -9.63
C GLY A 181 -9.91 -19.39 -10.38
N ILE A 182 -8.86 -18.90 -9.72
CA ILE A 182 -7.89 -18.05 -10.41
C ILE A 182 -6.48 -18.42 -10.02
N ILE A 183 -5.67 -18.69 -11.04
CA ILE A 183 -4.26 -18.94 -10.88
C ILE A 183 -3.53 -17.63 -11.16
N LEU A 184 -2.61 -17.21 -10.25
CA LEU A 184 -1.82 -16.00 -10.47
C LEU A 184 -0.38 -16.45 -10.76
N TYR A 185 0.31 -15.80 -11.69
CA TYR A 185 1.69 -16.16 -11.94
C TYR A 185 2.52 -14.96 -12.24
N SER A 186 3.84 -15.11 -12.09
CA SER A 186 4.76 -14.01 -12.34
C SER A 186 5.36 -14.14 -13.72
N ASP A 187 4.94 -13.29 -14.66
CA ASP A 187 5.51 -13.39 -16.00
C ASP A 187 6.83 -12.66 -16.04
N PRO A 188 7.83 -13.21 -16.74
CA PRO A 188 9.09 -12.47 -16.82
C PRO A 188 8.95 -11.10 -17.47
N ALA A 189 7.90 -10.86 -18.26
CA ALA A 189 7.71 -9.52 -18.81
C ALA A 189 7.62 -8.50 -17.68
N ASP A 190 7.06 -8.93 -16.56
CA ASP A 190 6.74 -8.05 -15.41
C ASP A 190 7.70 -8.23 -14.25
N TYR A 191 8.44 -9.32 -14.15
CA TYR A 191 9.30 -9.54 -12.98
C TYR A 191 10.71 -10.02 -13.34
N PHE A 192 11.15 -9.78 -14.56
CA PHE A 192 12.50 -10.19 -14.93
C PHE A 192 13.08 -9.02 -15.69
N ALA A 193 13.95 -8.26 -15.03
CA ALA A 193 14.56 -7.08 -15.63
C ALA A 193 15.53 -7.50 -16.73
N PRO A 194 15.58 -6.76 -17.84
CA PRO A 194 16.46 -7.14 -18.94
C PRO A 194 17.95 -7.12 -18.58
N GLU A 195 18.70 -8.10 -19.08
CA GLU A 195 20.15 -8.24 -18.87
C GLU A 195 20.60 -8.29 -17.41
N VAL A 196 19.72 -8.88 -16.57
CA VAL A 196 20.09 -9.16 -15.19
C VAL A 196 19.91 -10.65 -14.96
N GLN A 197 20.81 -11.30 -14.23
CA GLN A 197 20.71 -12.73 -13.94
C GLN A 197 19.74 -13.02 -12.80
N PRO A 198 19.15 -14.22 -12.79
CA PRO A 198 18.30 -14.56 -11.64
C PRO A 198 19.13 -14.71 -10.37
N TYR A 199 18.51 -14.51 -9.22
CA TYR A 199 19.14 -14.84 -7.93
C TYR A 199 19.66 -16.28 -7.96
N PRO A 200 20.88 -16.49 -7.42
CA PRO A 200 21.75 -15.58 -6.63
C PRO A 200 22.75 -14.79 -7.44
N LYS A 201 22.85 -15.05 -8.74
CA LYS A 201 23.89 -14.34 -9.55
C LYS A 201 23.48 -12.88 -9.80
N GLY A 202 22.18 -12.62 -9.81
CA GLY A 202 21.67 -11.26 -10.00
C GLY A 202 20.39 -11.11 -9.18
N TRP A 203 19.67 -10.02 -9.42
CA TRP A 203 18.49 -9.69 -8.59
C TRP A 203 17.16 -10.04 -9.26
N ASN A 204 17.20 -10.86 -10.29
CA ASN A 204 15.95 -11.23 -10.96
C ASN A 204 15.29 -12.43 -10.35
N LEU A 205 14.03 -12.59 -10.73
CA LEU A 205 13.20 -13.66 -10.21
C LEU A 205 13.53 -14.99 -10.94
N PRO A 206 13.90 -16.05 -10.22
CA PRO A 206 14.00 -17.36 -10.86
C PRO A 206 12.64 -17.94 -11.27
N GLY A 207 12.65 -18.88 -12.21
CA GLY A 207 11.38 -19.47 -12.70
C GLY A 207 10.69 -20.41 -11.74
N THR A 208 11.35 -20.77 -10.65
CA THR A 208 10.79 -21.68 -9.65
C THR A 208 10.08 -20.92 -8.52
N ALA A 209 10.18 -19.60 -8.48
CA ALA A 209 9.69 -18.81 -7.33
C ALA A 209 8.31 -18.26 -7.55
N ALA A 210 7.47 -18.26 -6.56
CA ALA A 210 6.14 -17.67 -6.66
C ALA A 210 5.98 -16.56 -5.63
N GLN A 211 5.13 -15.60 -5.99
CA GLN A 211 4.84 -14.46 -5.11
C GLN A 211 3.69 -14.73 -4.18
N ARG A 212 3.96 -14.68 -2.87
CA ARG A 212 2.90 -14.77 -1.86
C ARG A 212 2.11 -13.46 -1.77
N GLY A 213 0.97 -13.49 -1.11
CA GLY A 213 0.25 -12.25 -0.81
C GLY A 213 -1.21 -12.48 -0.57
N ASN A 214 -1.83 -11.65 0.26
CA ASN A 214 -3.24 -11.84 0.52
C ASN A 214 -4.09 -11.39 -0.67
N VAL A 215 -5.31 -11.98 -0.71
CA VAL A 215 -6.23 -11.68 -1.80
C VAL A 215 -7.57 -11.21 -1.23
N LEU A 216 -7.55 -10.53 -0.07
CA LEU A 216 -8.78 -9.93 0.43
C LEU A 216 -9.19 -8.71 -0.37
N ASN A 217 -10.47 -8.33 -0.22
CA ASN A 217 -10.97 -7.03 -0.67
C ASN A 217 -11.61 -6.33 0.53
N LEU A 218 -10.79 -5.83 1.44
CA LEU A 218 -11.25 -5.28 2.71
C LEU A 218 -11.81 -3.91 2.60
N ASN A 219 -11.33 -3.09 1.66
CA ASN A 219 -11.74 -1.67 1.56
C ASN A 219 -11.59 -0.98 2.90
N GLY A 220 -10.47 -1.23 3.57
CA GLY A 220 -10.18 -0.47 4.77
C GLY A 220 -10.71 -1.07 6.03
N ALA A 221 -11.34 -2.23 6.04
CA ALA A 221 -12.01 -2.72 7.23
C ALA A 221 -11.11 -3.21 8.35
N GLY A 222 -9.88 -3.64 8.05
CA GLY A 222 -9.06 -4.30 9.08
C GLY A 222 -9.41 -5.77 9.24
N ASP A 223 -9.26 -6.33 10.43
CA ASP A 223 -9.58 -7.74 10.64
C ASP A 223 -10.94 -8.06 10.00
N PRO A 224 -11.00 -9.16 9.20
CA PRO A 224 -12.27 -9.48 8.54
C PRO A 224 -13.42 -9.73 9.50
N LEU A 225 -13.15 -10.14 10.77
CA LEU A 225 -14.25 -10.51 11.65
C LEU A 225 -14.77 -9.41 12.54
N THR A 226 -14.09 -8.26 12.56
CA THR A 226 -14.42 -7.22 13.54
C THR A 226 -14.44 -5.82 12.92
N PRO A 227 -15.12 -5.63 11.76
CA PRO A 227 -15.08 -4.32 11.11
C PRO A 227 -15.63 -3.23 12.04
N GLY A 228 -14.89 -2.15 12.22
CA GLY A 228 -15.31 -1.02 13.05
C GLY A 228 -14.74 -0.97 14.41
N TYR A 229 -14.32 -2.13 14.97
CA TYR A 229 -14.03 -2.22 16.43
C TYR A 229 -12.77 -3.06 16.62
N PRO A 230 -11.96 -2.73 17.63
CA PRO A 230 -10.72 -3.49 17.78
C PRO A 230 -10.97 -4.91 18.22
N ALA A 231 -10.13 -5.82 17.71
CA ALA A 231 -10.30 -7.23 17.98
C ALA A 231 -9.69 -7.65 19.32
N LYS A 232 -10.40 -7.34 20.39
CA LYS A 232 -10.04 -7.61 21.80
CA LYS A 232 -9.93 -7.70 21.73
C LYS A 232 -10.58 -8.97 22.17
N GLU A 233 -10.33 -9.40 23.39
CA GLU A 233 -10.73 -10.77 23.71
CA GLU A 233 -10.72 -10.72 23.84
C GLU A 233 -12.23 -10.91 23.87
N TYR A 234 -12.94 -9.85 24.26
CA TYR A 234 -14.41 -9.92 24.47
C TYR A 234 -15.19 -9.62 23.22
N THR A 235 -14.50 -9.17 22.15
CA THR A 235 -15.17 -8.51 21.04
C THR A 235 -16.04 -9.48 20.26
N PHE A 236 -17.20 -8.98 19.85
CA PHE A 236 -18.07 -9.72 18.92
C PHE A 236 -17.34 -9.97 17.62
N ARG A 237 -17.46 -11.19 17.11
CA ARG A 237 -16.86 -11.56 15.82
C ARG A 237 -17.94 -12.02 14.87
N LEU A 238 -17.91 -11.55 13.64
CA LEU A 238 -18.72 -12.14 12.59
C LEU A 238 -18.40 -13.60 12.45
N ASP A 239 -19.40 -14.36 11.99
CA ASP A 239 -19.17 -15.74 11.60
C ASP A 239 -18.11 -15.73 10.48
N VAL A 240 -17.24 -16.74 10.41
CA VAL A 240 -16.17 -16.66 9.38
C VAL A 240 -16.71 -16.57 7.95
N GLU A 241 -17.81 -17.22 7.71
CA GLU A 241 -18.41 -17.17 6.38
CA GLU A 241 -18.49 -17.18 6.43
C GLU A 241 -18.88 -15.76 5.98
N GLU A 242 -18.97 -14.85 6.93
CA GLU A 242 -19.39 -13.48 6.67
C GLU A 242 -18.20 -12.54 6.87
N GLY A 243 -16.98 -13.07 6.99
CA GLY A 243 -15.81 -12.19 7.19
C GLY A 243 -15.68 -11.24 6.04
N VAL A 244 -15.39 -9.98 6.34
CA VAL A 244 -15.36 -8.94 5.28
C VAL A 244 -14.21 -9.24 4.32
N GLY A 245 -14.54 -9.18 3.03
CA GLY A 245 -13.47 -9.17 2.01
C GLY A 245 -12.96 -10.52 1.59
N ILE A 246 -13.48 -11.62 2.17
CA ILE A 246 -12.93 -12.93 1.88
C ILE A 246 -13.42 -13.44 0.54
N PRO A 247 -12.51 -13.85 -0.35
CA PRO A 247 -12.98 -14.26 -1.68
C PRO A 247 -13.71 -15.60 -1.62
N ARG A 248 -14.51 -15.86 -2.66
CA ARG A 248 -15.36 -17.04 -2.69
C ARG A 248 -14.90 -18.06 -3.71
N ILE A 249 -13.73 -17.85 -4.29
CA ILE A 249 -13.12 -18.84 -5.18
C ILE A 249 -11.67 -19.10 -4.74
N PRO A 250 -11.13 -20.27 -5.12
CA PRO A 250 -9.74 -20.53 -4.81
C PRO A 250 -8.79 -19.68 -5.64
N VAL A 251 -7.66 -19.38 -5.05
CA VAL A 251 -6.63 -18.53 -5.65
C VAL A 251 -5.31 -19.14 -5.24
N HIS A 252 -4.37 -19.30 -6.20
CA HIS A 252 -3.04 -19.83 -5.85
C HIS A 252 -1.99 -19.26 -6.80
N PRO A 253 -0.79 -19.02 -6.31
CA PRO A 253 0.24 -18.41 -7.15
C PRO A 253 1.32 -19.42 -7.57
N ILE A 254 1.82 -19.27 -8.79
CA ILE A 254 2.85 -20.14 -9.34
C ILE A 254 3.94 -19.32 -10.00
N GLY A 255 5.10 -19.97 -10.18
CA GLY A 255 6.20 -19.31 -10.86
C GLY A 255 6.09 -19.50 -12.37
N TYR A 256 6.99 -18.89 -13.11
CA TYR A 256 6.82 -18.91 -14.55
C TYR A 256 7.25 -20.19 -15.22
N ASN A 257 8.06 -21.04 -14.57
CA ASN A 257 8.31 -22.33 -15.21
C ASN A 257 7.00 -23.12 -15.25
N ASP A 258 6.27 -23.14 -14.14
CA ASP A 258 4.97 -23.83 -14.13
C ASP A 258 3.92 -23.15 -15.04
N ALA A 259 3.89 -21.82 -15.02
CA ALA A 259 2.92 -21.14 -15.86
C ALA A 259 3.12 -21.44 -17.32
N GLU A 260 4.38 -21.54 -17.73
CA GLU A 260 4.67 -21.81 -19.16
C GLU A 260 4.04 -23.12 -19.56
N ILE A 261 4.09 -24.14 -18.69
CA ILE A 261 3.48 -25.44 -18.99
C ILE A 261 1.99 -25.32 -19.13
N LEU A 262 1.35 -24.51 -18.26
CA LEU A 262 -0.10 -24.36 -18.36
C LEU A 262 -0.55 -23.54 -19.57
N LEU A 263 0.25 -22.57 -20.00
CA LEU A 263 -0.14 -21.67 -21.09
C LEU A 263 0.18 -22.26 -22.45
N ARG A 264 1.17 -23.15 -22.51
CA ARG A 264 1.71 -23.57 -23.81
C ARG A 264 0.67 -24.05 -24.80
N TYR A 265 -0.26 -24.90 -24.37
CA TYR A 265 -1.22 -25.49 -25.29
C TYR A 265 -2.58 -24.86 -25.28
N LEU A 266 -2.70 -23.65 -24.70
CA LEU A 266 -4.00 -22.97 -24.80
C LEU A 266 -4.39 -22.76 -26.25
N GLY A 267 -5.66 -23.01 -26.55
CA GLY A 267 -6.17 -22.84 -27.89
C GLY A 267 -7.09 -21.66 -28.01
N GLY A 268 -8.06 -21.76 -28.88
CA GLY A 268 -9.02 -20.70 -29.08
C GLY A 268 -8.42 -19.49 -29.76
N ILE A 269 -8.88 -18.30 -29.37
CA ILE A 269 -8.46 -17.11 -30.11
C ILE A 269 -7.04 -16.72 -29.80
N ALA A 270 -6.39 -16.16 -30.80
CA ALA A 270 -5.06 -15.58 -30.62
C ALA A 270 -5.10 -14.42 -29.63
N PRO A 271 -3.95 -14.09 -29.02
CA PRO A 271 -3.96 -12.86 -28.20
C PRO A 271 -4.41 -11.67 -29.05
N PRO A 272 -5.18 -10.74 -28.47
CA PRO A 272 -5.82 -9.73 -29.30
C PRO A 272 -4.89 -8.64 -29.79
N ASP A 273 -3.80 -8.42 -29.05
CA ASP A 273 -2.79 -7.44 -29.39
C ASP A 273 -1.58 -7.71 -28.55
N LYS A 274 -0.46 -7.03 -28.83
CA LYS A 274 0.79 -7.27 -28.15
C LYS A 274 0.74 -6.99 -26.64
N SER A 275 -0.21 -6.16 -26.20
CA SER A 275 -0.28 -5.82 -24.75
C SER A 275 -0.78 -7.00 -23.92
N TRP A 276 -1.26 -8.05 -24.56
CA TRP A 276 -1.69 -9.29 -23.88
C TRP A 276 -0.58 -10.32 -23.85
N LYS A 277 0.51 -10.11 -24.57
CA LYS A 277 1.57 -11.11 -24.68
CA LYS A 277 1.59 -11.10 -24.60
C LYS A 277 2.69 -10.80 -23.66
N GLY A 278 3.00 -11.76 -22.81
CA GLY A 278 4.16 -11.67 -21.96
C GLY A 278 5.43 -12.16 -22.64
N ALA A 279 6.37 -12.64 -21.85
CA ALA A 279 7.70 -12.89 -22.35
C ALA A 279 8.06 -14.35 -22.48
N LEU A 280 7.16 -15.27 -22.07
CA LEU A 280 7.43 -16.69 -22.16
C LEU A 280 7.32 -17.15 -23.60
N ASN A 281 7.93 -18.30 -23.87
CA ASN A 281 7.94 -18.86 -25.23
C ASN A 281 6.64 -19.64 -25.49
N VAL A 282 5.51 -18.94 -25.37
CA VAL A 282 4.17 -19.50 -25.58
C VAL A 282 3.37 -18.50 -26.39
N SER A 283 2.24 -18.96 -26.95
CA SER A 283 1.51 -18.09 -27.86
C SER A 283 0.72 -16.97 -27.17
N TYR A 284 0.37 -17.15 -25.90
CA TYR A 284 -0.58 -16.25 -25.23
C TYR A 284 -1.95 -16.26 -25.85
N SER A 285 -2.31 -17.39 -26.46
CA SER A 285 -3.71 -17.59 -26.86
C SER A 285 -4.60 -17.63 -25.62
N ILE A 286 -5.91 -17.39 -25.82
CA ILE A 286 -6.78 -17.06 -24.70
C ILE A 286 -7.46 -18.26 -24.10
N GLY A 287 -7.64 -19.32 -24.88
CA GLY A 287 -8.59 -20.36 -24.49
C GLY A 287 -10.01 -19.90 -24.77
N PRO A 288 -11.02 -20.61 -24.27
CA PRO A 288 -10.89 -21.73 -23.39
C PRO A 288 -10.44 -22.96 -24.06
N GLY A 289 -9.78 -23.82 -23.28
CA GLY A 289 -9.41 -25.13 -23.74
C GLY A 289 -8.03 -25.20 -24.32
N PHE A 290 -7.55 -26.45 -24.49
CA PHE A 290 -6.26 -26.74 -25.05
C PHE A 290 -6.31 -27.30 -26.47
N THR A 291 -5.18 -27.17 -27.17
CA THR A 291 -5.03 -27.72 -28.50
CA THR A 291 -4.99 -27.69 -28.55
C THR A 291 -3.58 -28.19 -28.71
N GLY A 292 -3.39 -29.24 -29.53
CA GLY A 292 -2.03 -29.66 -29.83
C GLY A 292 -1.37 -30.57 -28.81
N SER A 293 -2.14 -31.05 -27.81
CA SER A 293 -1.58 -31.92 -26.78
C SER A 293 -2.16 -33.33 -26.81
N SER A 295 -3.02 -35.04 -24.21
CA SER A 295 -3.16 -35.39 -22.81
CA SER A 295 -3.07 -35.36 -22.80
C SER A 295 -3.63 -34.21 -22.00
N PHE A 296 -3.40 -32.96 -22.43
CA PHE A 296 -3.90 -31.81 -21.62
C PHE A 296 -5.36 -31.57 -21.96
N ARG A 297 -6.24 -31.85 -20.98
CA ARG A 297 -7.68 -31.70 -21.17
CA ARG A 297 -7.67 -31.73 -21.16
C ARG A 297 -8.34 -30.73 -20.25
N LYS A 298 -8.09 -30.83 -18.95
CA LYS A 298 -8.72 -29.89 -18.01
C LYS A 298 -7.70 -29.45 -16.97
N VAL A 299 -7.92 -28.29 -16.35
CA VAL A 299 -7.08 -27.84 -15.25
CA VAL A 299 -7.07 -27.82 -15.28
C VAL A 299 -7.84 -28.01 -13.96
N ARG A 300 -7.12 -28.36 -12.91
CA ARG A 300 -7.69 -28.46 -11.57
C ARG A 300 -6.91 -27.60 -10.61
N MET A 301 -7.61 -27.00 -9.66
CA MET A 301 -6.90 -26.41 -8.53
C MET A 301 -7.23 -27.21 -7.30
N HIS A 302 -6.30 -27.18 -6.34
CA HIS A 302 -6.52 -27.86 -5.05
C HIS A 302 -5.97 -26.94 -3.99
N VAL A 303 -6.85 -26.23 -3.31
CA VAL A 303 -6.39 -25.19 -2.39
C VAL A 303 -7.14 -25.36 -1.08
N TYR A 304 -6.38 -25.57 0.00
CA TYR A 304 -6.98 -25.89 1.33
C TYR A 304 -6.29 -25.14 2.44
N ASN A 305 -6.05 -23.86 2.24
CA ASN A 305 -5.49 -23.06 3.32
C ASN A 305 -6.50 -22.97 4.42
N ILE A 306 -5.98 -22.76 5.61
CA ILE A 306 -6.81 -22.65 6.82
C ILE A 306 -6.85 -21.24 7.33
N ASN A 307 -8.05 -20.81 7.63
CA ASN A 307 -8.22 -19.49 8.31
C ASN A 307 -8.36 -19.71 9.81
N LYS A 308 -7.60 -19.00 10.64
CA LYS A 308 -7.73 -19.17 12.08
C LYS A 308 -7.45 -17.89 12.81
N ILE A 309 -8.20 -17.66 13.90
CA ILE A 309 -7.95 -16.49 14.73
C ILE A 309 -6.60 -16.68 15.43
N THR A 310 -5.75 -15.68 15.31
CA THR A 310 -4.35 -15.75 15.74
C THR A 310 -3.98 -14.45 16.44
N ARG A 311 -3.16 -14.55 17.49
CA ARG A 311 -2.73 -13.34 18.17
C ARG A 311 -1.61 -12.62 17.40
N ILE A 312 -1.74 -11.30 17.29
CA ILE A 312 -0.72 -10.43 16.69
C ILE A 312 -0.29 -9.40 17.69
N TYR A 313 0.89 -8.83 17.47
CA TYR A 313 1.49 -7.93 18.45
C TYR A 313 2.04 -6.69 17.79
N ASN A 314 1.52 -5.53 18.15
CA ASN A 314 2.15 -4.27 17.75
C ASN A 314 3.07 -3.85 18.85
N VAL A 315 4.17 -3.18 18.52
CA VAL A 315 4.99 -2.51 19.57
C VAL A 315 4.64 -1.02 19.46
N VAL A 316 4.24 -0.43 20.60
CA VAL A 316 3.87 0.99 20.58
C VAL A 316 4.64 1.70 21.67
N GLY A 317 5.37 2.72 21.25
CA GLY A 317 6.24 3.49 22.16
C GLY A 317 5.97 4.96 22.08
N THR A 318 6.47 5.71 23.05
CA THR A 318 6.21 7.14 23.03
C THR A 318 7.40 7.93 23.52
N ILE A 319 7.49 9.18 23.06
CA ILE A 319 8.25 10.24 23.71
C ILE A 319 7.24 11.35 23.96
N ARG A 320 6.93 11.63 25.23
N ARG A 320 6.88 11.60 25.22
CA ARG A 320 5.86 12.56 25.57
CA ARG A 320 5.82 12.57 25.48
C ARG A 320 6.26 14.01 25.40
C ARG A 320 6.31 13.98 25.25
N GLY A 321 5.37 14.81 24.80
CA GLY A 321 5.69 16.21 24.55
C GLY A 321 5.81 17.01 25.83
N SER A 322 6.66 18.02 25.78
CA SER A 322 6.86 18.89 26.95
C SER A 322 5.89 20.04 27.01
N VAL A 323 5.28 20.40 25.89
CA VAL A 323 4.38 21.54 25.82
C VAL A 323 2.95 21.10 25.48
N GLU A 324 2.82 20.29 24.42
CA GLU A 324 1.50 19.79 23.96
C GLU A 324 1.51 18.28 23.96
N PRO A 325 1.52 17.66 25.16
CA PRO A 325 1.57 16.20 25.22
C PRO A 325 0.32 15.55 24.63
N ASP A 326 -0.76 16.30 24.45
CA ASP A 326 -2.00 15.80 23.83
C ASP A 326 -2.07 16.04 22.33
N ARG A 327 -0.90 16.15 21.67
CA ARG A 327 -0.84 16.24 20.24
C ARG A 327 0.16 15.22 19.75
N TYR A 328 -0.15 14.47 18.68
CA TYR A 328 0.63 13.31 18.32
C TYR A 328 1.21 13.37 16.92
N VAL A 329 2.47 12.93 16.75
CA VAL A 329 2.99 12.60 15.43
C VAL A 329 3.36 11.14 15.49
N ILE A 330 2.81 10.35 14.56
CA ILE A 330 3.01 8.90 14.56
C ILE A 330 4.02 8.52 13.51
N LEU A 331 5.01 7.71 13.91
CA LEU A 331 5.94 7.10 12.98
C LEU A 331 5.73 5.60 13.08
N GLY A 332 5.14 4.99 12.03
CA GLY A 332 4.78 3.59 12.14
C GLY A 332 5.21 2.82 10.94
N GLY A 333 5.60 1.57 11.15
CA GLY A 333 5.96 0.73 10.00
C GLY A 333 5.69 -0.73 10.39
N HIS A 334 5.39 -1.57 9.39
CA HIS A 334 5.16 -2.97 9.71
C HIS A 334 6.43 -3.76 9.84
N ARG A 335 6.33 -4.86 10.58
CA ARG A 335 7.46 -5.74 10.89
C ARG A 335 7.28 -7.11 10.30
N ASP A 336 6.04 -7.53 10.06
CA ASP A 336 5.83 -8.87 9.56
C ASP A 336 6.17 -8.99 8.08
N SER A 337 6.68 -10.15 7.66
CA SER A 337 7.03 -10.37 6.28
C SER A 337 6.45 -11.64 5.79
N TRP A 338 6.54 -11.94 4.49
CA TRP A 338 6.14 -13.28 4.01
C TRP A 338 7.23 -14.29 4.26
N VAL A 339 8.49 -13.94 4.00
CA VAL A 339 9.62 -14.86 4.30
C VAL A 339 10.63 -14.00 5.08
N PHE A 340 11.80 -13.72 4.53
CA PHE A 340 12.80 -12.90 5.26
C PHE A 340 12.46 -11.42 5.16
N GLY A 341 11.81 -11.01 4.07
CA GLY A 341 11.38 -9.62 3.86
C GLY A 341 12.50 -8.59 3.97
N ALA A 342 13.65 -8.84 3.38
CA ALA A 342 14.74 -7.88 3.57
C ALA A 342 14.45 -6.52 3.00
N ILE A 343 13.67 -6.44 1.91
CA ILE A 343 13.17 -5.14 1.48
C ILE A 343 11.84 -4.81 2.18
N ASP A 344 10.85 -5.67 1.99
CA ASP A 344 9.50 -5.46 2.49
C ASP A 344 9.24 -6.37 3.68
N PRO A 345 9.19 -5.82 4.93
CA PRO A 345 9.32 -4.43 5.32
C PRO A 345 10.64 -4.14 5.98
N THR A 346 11.54 -5.12 6.04
CA THR A 346 12.57 -5.06 7.07
C THR A 346 13.54 -3.92 6.83
N SER A 347 13.72 -3.49 5.58
CA SER A 347 14.51 -2.29 5.33
C SER A 347 13.90 -1.09 6.09
N GLY A 348 12.58 -1.03 6.14
CA GLY A 348 11.87 0.00 6.92
C GLY A 348 11.91 -0.22 8.41
N VAL A 349 11.98 -1.48 8.85
CA VAL A 349 12.13 -1.79 10.29
C VAL A 349 13.49 -1.29 10.76
N ALA A 350 14.51 -1.51 9.93
CA ALA A 350 15.86 -1.05 10.27
C ALA A 350 15.93 0.48 10.31
N VAL A 351 15.29 1.14 9.36
CA VAL A 351 15.19 2.58 9.36
C VAL A 351 14.48 3.10 10.61
N LEU A 352 13.35 2.49 10.99
CA LEU A 352 12.63 2.95 12.15
C LEU A 352 13.51 2.83 13.40
N GLN A 353 14.28 1.75 13.53
CA GLN A 353 15.14 1.65 14.68
C GLN A 353 16.20 2.73 14.68
N GLU A 354 16.79 3.03 13.55
CA GLU A 354 17.78 4.09 13.50
C GLU A 354 17.22 5.46 13.75
N ILE A 355 15.97 5.72 13.36
CA ILE A 355 15.37 6.98 13.73
C ILE A 355 15.10 7.05 15.24
N ALA A 356 14.55 5.98 15.82
CA ALA A 356 14.30 5.99 17.26
C ALA A 356 15.61 6.15 18.01
N ARG A 357 16.69 5.50 17.55
CA ARG A 357 17.96 5.64 18.25
C ARG A 357 18.46 7.08 18.23
N SER A 358 18.26 7.76 17.10
CA SER A 358 18.69 9.11 17.00
C SER A 358 17.88 10.05 17.85
N PHE A 359 16.56 9.86 17.92
CA PHE A 359 15.77 10.65 18.86
C PHE A 359 16.22 10.38 20.29
N GLY A 360 16.53 9.13 20.63
CA GLY A 360 17.09 8.80 21.95
C GLY A 360 18.38 9.54 22.22
N LYS A 361 19.24 9.71 21.23
CA LYS A 361 20.50 10.48 21.43
C LYS A 361 20.19 11.94 21.73
N LEU A 362 19.21 12.51 21.04
CA LEU A 362 18.80 13.86 21.39
C LEU A 362 18.33 13.95 22.85
N MET A 363 17.51 13.00 23.26
N MET A 363 17.52 12.98 23.25
CA MET A 363 17.00 13.03 24.64
CA MET A 363 16.98 12.90 24.62
C MET A 363 18.15 12.91 25.67
C MET A 363 18.09 12.83 25.66
N SER A 364 19.18 12.15 25.31
CA SER A 364 20.33 11.95 26.24
C SER A 364 21.09 13.27 26.57
N LYS A 365 20.93 14.26 25.69
CA LYS A 365 21.50 15.62 25.88
C LYS A 365 20.46 16.64 26.38
N GLY A 366 19.29 16.16 26.77
CA GLY A 366 18.29 16.99 27.47
C GLY A 366 17.12 17.47 26.63
N TRP A 367 17.08 17.14 25.33
CA TRP A 367 15.96 17.58 24.48
C TRP A 367 14.70 16.79 24.79
N ARG A 368 13.58 17.48 24.65
CA ARG A 368 12.27 16.82 24.63
C ARG A 368 11.47 17.49 23.55
N PRO A 369 10.62 16.73 22.83
CA PRO A 369 9.81 17.37 21.78
C PRO A 369 8.68 18.24 22.34
N ARG A 370 8.19 19.17 21.53
CA ARG A 370 7.04 19.99 21.94
C ARG A 370 5.80 19.10 22.09
N ARG A 371 5.49 18.32 21.04
CA ARG A 371 4.32 17.42 20.99
C ARG A 371 4.84 15.99 21.25
N THR A 372 3.92 15.03 21.30
CA THR A 372 4.27 13.64 21.58
C THR A 372 4.56 12.86 20.31
N ILE A 373 5.66 12.12 20.30
CA ILE A 373 5.91 11.16 19.23
C ILE A 373 5.41 9.79 19.64
N ILE A 374 4.64 9.16 18.74
CA ILE A 374 4.24 7.74 18.90
C ILE A 374 5.02 6.93 17.85
N PHE A 375 5.77 5.96 18.32
CA PHE A 375 6.47 5.00 17.46
C PHE A 375 5.69 3.71 17.42
N ALA A 376 5.51 3.12 16.23
CA ALA A 376 4.74 1.87 16.16
C ALA A 376 5.38 0.88 15.21
N SER A 377 5.51 -0.36 15.70
CA SER A 377 5.94 -1.49 14.83
C SER A 377 4.69 -2.35 14.67
N TRP A 378 4.11 -2.35 13.48
CA TRP A 378 2.83 -2.99 13.26
C TRP A 378 3.00 -4.46 12.87
N ASP A 379 2.05 -5.27 13.30
CA ASP A 379 2.01 -6.66 12.89
C ASP A 379 0.88 -6.89 11.84
N ALA A 380 1.02 -8.01 11.15
CA ALA A 380 0.01 -8.54 10.22
C ALA A 380 -0.38 -7.52 9.16
N GLU A 381 0.55 -6.67 8.74
CA GLU A 381 0.25 -5.78 7.63
C GLU A 381 0.03 -6.59 6.38
N GLU A 382 0.77 -7.70 6.20
CA GLU A 382 0.71 -8.44 4.94
C GLU A 382 -0.61 -9.19 4.81
N PHE A 383 -1.40 -9.25 5.88
CA PHE A 383 -2.71 -9.91 5.88
C PHE A 383 -3.85 -8.91 5.78
N GLY A 384 -3.54 -7.64 5.45
CA GLY A 384 -4.60 -6.61 5.22
C GLY A 384 -4.47 -5.43 6.13
N LEU A 385 -3.24 -5.01 6.50
CA LEU A 385 -3.07 -3.80 7.33
C LEU A 385 -3.68 -4.04 8.69
N LEU A 386 -3.61 -5.29 9.19
CA LEU A 386 -4.46 -5.64 10.33
C LEU A 386 -4.01 -5.01 11.62
N GLY A 387 -2.75 -5.07 11.98
CA GLY A 387 -2.30 -4.50 13.27
C GLY A 387 -2.46 -2.99 13.32
N SER A 388 -2.11 -2.27 12.24
CA SER A 388 -2.24 -0.83 12.28
C SER A 388 -3.70 -0.41 12.29
N THR A 389 -4.55 -1.16 11.60
CA THR A 389 -5.96 -0.77 11.56
C THR A 389 -6.65 -1.10 12.86
N GLU A 390 -6.37 -2.26 13.49
CA GLU A 390 -6.99 -2.55 14.78
C GLU A 390 -6.56 -1.51 15.83
N TRP A 391 -5.30 -1.05 15.81
CA TRP A 391 -4.89 -0.04 16.79
C TRP A 391 -5.57 1.28 16.52
N ALA A 392 -5.77 1.64 15.25
CA ALA A 392 -6.52 2.84 14.92
C ALA A 392 -7.95 2.70 15.42
N GLU A 393 -8.56 1.50 15.27
CA GLU A 393 -9.94 1.33 15.72
C GLU A 393 -10.02 1.40 17.23
N GLU A 394 -8.99 0.92 17.95
CA GLU A 394 -9.01 0.99 19.42
C GLU A 394 -8.90 2.41 19.89
N ASN A 395 -8.05 3.21 19.23
CA ASN A 395 -7.64 4.53 19.73
C ASN A 395 -8.22 5.66 18.97
N VAL A 396 -9.24 5.37 18.13
CA VAL A 396 -9.85 6.37 17.24
C VAL A 396 -10.20 7.64 17.96
N LYS A 397 -10.75 7.59 19.17
CA LYS A 397 -11.25 8.83 19.76
C LYS A 397 -10.11 9.79 20.12
N ILE A 398 -9.01 9.27 20.64
CA ILE A 398 -7.86 10.17 20.88
C ILE A 398 -7.13 10.49 19.63
N LEU A 399 -7.05 9.57 18.66
CA LEU A 399 -6.28 9.81 17.44
C LEU A 399 -6.94 10.89 16.59
N GLN A 400 -8.27 10.85 16.45
CA GLN A 400 -8.89 11.79 15.56
C GLN A 400 -8.94 13.18 16.15
N GLU A 401 -8.82 13.35 17.46
CA GLU A 401 -8.86 14.68 18.03
C GLU A 401 -7.48 15.27 18.28
N ARG A 402 -6.41 14.48 18.15
CA ARG A 402 -5.08 14.91 18.65
C ARG A 402 -3.96 14.70 17.66
N SER A 403 -4.18 13.94 16.55
CA SER A 403 -3.03 13.62 15.72
C SER A 403 -2.73 14.70 14.69
N ILE A 404 -1.46 15.05 14.63
CA ILE A 404 -1.01 16.00 13.62
C ILE A 404 -0.78 15.25 12.30
N ALA A 405 -0.07 14.12 12.35
CA ALA A 405 0.35 13.44 11.11
C ALA A 405 0.77 12.04 11.38
N TYR A 406 0.79 11.22 10.32
CA TYR A 406 1.29 9.87 10.31
C TYR A 406 2.38 9.77 9.25
N ILE A 407 3.57 9.31 9.64
CA ILE A 407 4.66 9.07 8.71
C ILE A 407 4.92 7.58 8.69
N ASN A 408 4.84 6.98 7.48
CA ASN A 408 5.03 5.53 7.40
C ASN A 408 6.51 5.14 7.39
N SER A 409 6.81 3.87 7.73
CA SER A 409 8.17 3.38 7.64
C SER A 409 8.18 1.92 7.18
N ASP A 410 7.56 1.68 6.03
CA ASP A 410 7.66 0.38 5.33
C ASP A 410 8.95 0.41 4.50
N SER A 411 9.04 -0.43 3.49
CA SER A 411 10.24 -0.61 2.68
C SER A 411 10.91 0.70 2.33
N SER A 412 12.25 0.77 2.52
CA SER A 412 12.94 2.02 2.21
C SER A 412 13.58 1.98 0.83
N ILE A 413 13.70 0.79 0.23
CA ILE A 413 14.65 0.57 -0.91
C ILE A 413 14.11 -0.44 -1.92
N GLU A 414 13.14 0.00 -2.70
CA GLU A 414 12.57 -0.88 -3.73
C GLU A 414 13.28 -0.76 -5.08
N GLY A 415 14.23 0.15 -5.20
CA GLY A 415 15.06 0.34 -6.39
C GLY A 415 16.12 1.33 -5.97
N ASN A 416 16.99 1.70 -6.89
CA ASN A 416 18.13 2.54 -6.49
C ASN A 416 18.32 3.75 -7.38
N TYR A 417 17.22 4.21 -7.98
CA TYR A 417 17.29 5.33 -8.92
C TYR A 417 17.01 6.67 -8.29
N THR A 418 15.85 6.81 -7.66
CA THR A 418 15.58 8.07 -7.00
C THR A 418 14.51 7.93 -5.93
N LEU A 419 14.17 9.03 -5.29
CA LEU A 419 13.14 9.04 -4.25
C LEU A 419 11.75 8.99 -4.89
N ARG A 420 10.81 8.39 -4.15
CA ARG A 420 9.36 8.46 -4.46
C ARG A 420 8.69 8.92 -3.18
N VAL A 421 7.84 9.93 -3.29
CA VAL A 421 7.07 10.42 -2.14
C VAL A 421 5.61 10.42 -2.49
N ASP A 422 4.78 9.98 -1.55
CA ASP A 422 3.32 10.04 -1.69
C ASP A 422 2.82 10.72 -0.40
N CYS A 423 2.06 11.80 -0.51
CA CYS A 423 1.55 12.46 0.69
C CYS A 423 0.45 13.40 0.41
N THR A 424 -0.24 13.83 1.45
CA THR A 424 -1.27 14.87 1.32
C THR A 424 -0.64 16.20 0.88
N PRO A 425 -1.40 17.00 0.12
CA PRO A 425 -0.89 18.35 -0.22
C PRO A 425 -0.46 19.18 0.95
N LEU A 426 -1.04 18.94 2.12
CA LEU A 426 -0.58 19.69 3.32
C LEU A 426 0.91 19.59 3.57
N LEU A 427 1.51 18.47 3.16
CA LEU A 427 2.91 18.19 3.47
C LEU A 427 3.87 18.48 2.32
N TYR A 428 3.37 18.90 1.15
CA TYR A 428 4.31 19.11 0.04
C TYR A 428 5.46 20.06 0.41
N GLN A 429 5.13 21.21 0.97
CA GLN A 429 6.18 22.19 1.24
C GLN A 429 7.21 21.71 2.22
N LEU A 430 6.80 21.00 3.25
CA LEU A 430 7.73 20.46 4.22
C LEU A 430 8.64 19.43 3.56
N VAL A 431 8.08 18.56 2.74
CA VAL A 431 8.92 17.55 2.07
C VAL A 431 9.99 18.23 1.23
N TYR A 432 9.55 19.22 0.44
CA TYR A 432 10.56 19.87 -0.42
C TYR A 432 11.61 20.56 0.42
N LYS A 433 11.21 21.25 1.49
CA LYS A 433 12.18 21.94 2.38
C LYS A 433 13.22 20.97 2.93
N LEU A 434 12.75 19.81 3.42
CA LEU A 434 13.67 18.90 4.12
C LEU A 434 14.59 18.20 3.15
N THR A 435 14.11 17.85 1.97
CA THR A 435 14.99 17.18 1.00
C THR A 435 16.12 18.10 0.55
N LYS A 436 15.95 19.41 0.65
CA LYS A 436 17.02 20.35 0.28
C LYS A 436 18.16 20.34 1.27
N GLU A 437 17.93 19.82 2.48
CA GLU A 437 18.92 19.84 3.54
C GLU A 437 19.48 18.45 3.87
N ILE A 438 19.20 17.49 3.00
CA ILE A 438 19.70 16.12 3.17
C ILE A 438 20.63 15.85 2.01
N PRO A 439 21.88 15.39 2.31
CA PRO A 439 22.75 15.12 1.19
C PRO A 439 22.20 14.04 0.24
N SER A 440 22.36 14.24 -1.06
CA SER A 440 21.97 13.20 -2.00
C SER A 440 22.87 12.00 -1.89
N PRO A 441 22.30 10.78 -1.93
CA PRO A 441 23.16 9.59 -1.88
C PRO A 441 23.57 9.12 -3.27
N ASP A 442 23.13 9.81 -4.33
CA ASP A 442 23.24 9.29 -5.70
C ASP A 442 24.65 9.53 -6.27
N ASP A 443 25.14 8.55 -7.03
CA ASP A 443 26.42 8.71 -7.74
C ASP A 443 26.31 9.93 -8.64
N GLY A 444 27.34 10.78 -8.63
CA GLY A 444 27.32 12.00 -9.41
C GLY A 444 26.76 13.23 -8.73
N PHE A 445 26.15 13.08 -7.56
CA PHE A 445 25.51 14.19 -6.83
C PHE A 445 26.16 14.47 -5.48
N GLU A 446 27.46 14.22 -5.38
CA GLU A 446 28.11 14.26 -4.09
C GLU A 446 28.16 15.60 -3.36
N SER A 447 27.99 16.74 -4.04
CA SER A 447 27.89 18.00 -3.30
C SER A 447 26.50 18.64 -3.48
N LYS A 448 25.50 17.81 -3.72
CA LYS A 448 24.17 18.32 -3.96
C LYS A 448 23.20 17.66 -3.00
N SER A 449 22.03 18.25 -2.90
CA SER A 449 20.98 17.72 -2.03
C SER A 449 20.11 16.67 -2.68
N LEU A 450 19.41 15.92 -1.83
CA LEU A 450 18.45 14.93 -2.29
C LEU A 450 17.36 15.59 -3.15
N TYR A 451 16.95 16.80 -2.80
CA TYR A 451 15.96 17.48 -3.61
C TYR A 451 16.45 17.66 -5.05
N GLU A 452 17.73 18.01 -5.19
CA GLU A 452 18.31 18.24 -6.52
C GLU A 452 18.32 16.98 -7.38
N SER A 453 18.70 15.84 -6.79
CA SER A 453 18.73 14.62 -7.59
C SER A 453 17.32 14.15 -7.87
N TRP A 454 16.39 14.28 -6.91
CA TRP A 454 15.02 13.85 -7.11
C TRP A 454 14.35 14.69 -8.23
N LEU A 455 14.57 16.00 -8.19
CA LEU A 455 13.98 16.86 -9.22
C LEU A 455 14.51 16.48 -10.61
N GLU A 456 15.81 16.21 -10.72
CA GLU A 456 16.39 15.87 -12.04
C GLU A 456 15.77 14.57 -12.54
N LYS A 457 15.54 13.62 -11.63
CA LYS A 457 15.14 12.27 -12.02
C LYS A 457 13.65 12.03 -12.12
N ASP A 458 12.86 12.80 -11.39
CA ASP A 458 11.41 12.62 -11.43
C ASP A 458 10.67 13.96 -11.28
N PRO A 459 10.78 14.84 -12.31
CA PRO A 459 10.01 16.08 -12.29
C PRO A 459 8.49 15.88 -12.32
N SER A 460 7.76 16.76 -11.64
CA SER A 460 6.29 16.65 -11.59
C SER A 460 5.70 17.04 -12.93
N PRO A 461 4.70 16.26 -13.39
CA PRO A 461 4.03 16.62 -14.65
C PRO A 461 3.36 17.98 -14.61
N GLU A 462 2.86 18.40 -13.44
CA GLU A 462 2.14 19.68 -13.37
C GLU A 462 3.00 20.89 -13.05
N ASN A 463 4.29 20.67 -12.77
CA ASN A 463 5.23 21.76 -12.59
C ASN A 463 6.64 21.22 -12.73
N LYS A 464 7.29 21.55 -13.85
CA LYS A 464 8.58 20.98 -14.21
C LYS A 464 9.67 21.35 -13.24
N ASN A 465 9.43 22.36 -12.43
CA ASN A 465 10.45 22.83 -11.52
C ASN A 465 10.25 22.29 -10.12
N LEU A 466 9.34 21.32 -9.96
CA LEU A 466 9.18 20.58 -8.67
C LEU A 466 9.23 19.08 -8.89
N PRO A 467 9.76 18.32 -7.90
CA PRO A 467 9.69 16.86 -7.99
C PRO A 467 8.25 16.35 -7.88
N ARG A 468 8.00 15.21 -8.51
CA ARG A 468 6.70 14.55 -8.46
C ARG A 468 6.38 14.08 -7.03
N ILE A 469 5.19 14.41 -6.57
CA ILE A 469 4.61 13.78 -5.37
C ILE A 469 3.28 13.15 -5.73
N ASN A 470 3.09 11.87 -5.40
CA ASN A 470 1.87 11.13 -5.75
C ASN A 470 0.78 11.21 -4.68
N LYS A 471 -0.44 10.90 -5.10
CA LYS A 471 -1.59 10.82 -4.20
C LYS A 471 -1.54 9.56 -3.37
N LEU A 472 -2.19 9.59 -2.21
CA LEU A 472 -2.33 8.39 -1.38
C LEU A 472 -3.60 7.54 -1.71
N GLY A 473 -3.39 6.23 -1.93
CA GLY A 473 -4.50 5.25 -2.01
C GLY A 473 -4.28 4.35 -0.83
N SER A 474 -3.92 3.10 -1.07
CA SER A 474 -3.65 2.16 -0.02
C SER A 474 -2.40 1.41 -0.34
N GLY A 475 -2.21 0.29 0.35
CA GLY A 475 -0.98 -0.49 0.15
C GLY A 475 -0.11 -0.60 1.34
N SER A 476 -0.33 0.25 2.37
CA SER A 476 0.50 0.14 3.56
C SER A 476 -0.27 0.79 4.72
N ASP A 477 0.38 0.81 5.87
CA ASP A 477 -0.30 1.01 7.14
C ASP A 477 -0.81 2.42 7.37
N PHE A 478 -0.46 3.41 6.54
CA PHE A 478 -1.08 4.73 6.66
C PHE A 478 -2.56 4.69 6.31
N GLU A 479 -3.08 3.61 5.68
CA GLU A 479 -4.42 3.66 5.08
C GLU A 479 -5.50 4.10 6.06
N ALA A 480 -5.59 3.42 7.23
CA ALA A 480 -6.73 3.79 8.10
C ALA A 480 -6.56 5.22 8.62
N TYR A 481 -5.35 5.62 8.91
CA TYR A 481 -5.08 6.95 9.47
C TYR A 481 -5.52 8.02 8.51
N PHE A 482 -5.21 7.83 7.21
CA PHE A 482 -5.56 8.87 6.23
C PHE A 482 -6.99 8.70 5.70
N GLN A 483 -7.32 7.51 5.19
CA GLN A 483 -8.58 7.33 4.47
C GLN A 483 -9.77 7.19 5.38
N ARG A 484 -9.57 6.68 6.61
CA ARG A 484 -10.71 6.56 7.52
C ARG A 484 -10.74 7.75 8.49
N LEU A 485 -9.59 8.13 9.05
CA LEU A 485 -9.59 9.13 10.11
C LEU A 485 -9.22 10.54 9.67
N GLY A 486 -8.67 10.71 8.48
CA GLY A 486 -8.33 12.06 8.04
C GLY A 486 -7.14 12.67 8.72
N ILE A 487 -6.12 11.85 9.02
CA ILE A 487 -4.86 12.35 9.61
C ILE A 487 -3.88 12.49 8.47
N ALA A 488 -3.34 13.71 8.32
CA ALA A 488 -2.34 13.97 7.25
C ALA A 488 -1.26 12.91 7.26
N SER A 489 -0.95 12.30 6.12
CA SER A 489 -0.04 11.18 6.07
C SER A 489 0.97 11.32 4.94
N GLY A 490 2.13 10.68 5.10
CA GLY A 490 3.13 10.71 4.05
C GLY A 490 4.00 9.49 4.12
N ARG A 491 4.57 9.19 2.94
CA ARG A 491 5.56 8.13 2.82
C ARG A 491 6.62 8.47 1.81
N ALA A 492 7.81 7.93 2.02
CA ALA A 492 8.94 8.17 1.15
C ALA A 492 9.81 6.97 1.07
N ARG A 493 10.34 6.63 -0.10
CA ARG A 493 11.27 5.50 -0.24
C ARG A 493 12.07 5.68 -1.50
N TYR A 494 13.13 4.91 -1.66
CA TYR A 494 13.86 4.86 -2.94
C TYR A 494 13.20 3.89 -3.87
N THR A 495 13.25 4.21 -5.19
CA THR A 495 12.49 3.44 -6.16
C THR A 495 13.29 3.36 -7.46
N LYS A 496 12.74 2.59 -8.41
CA LYS A 496 13.31 2.41 -9.77
C LYS A 496 13.04 3.60 -10.70
N ASN A 497 13.65 3.56 -11.88
CA ASN A 497 13.44 4.61 -12.90
C ASN A 497 12.29 4.16 -13.78
N LYS A 498 11.15 4.82 -13.66
CA LYS A 498 9.95 4.33 -14.36
C LYS A 498 10.04 4.49 -15.88
N LYS A 499 10.87 5.41 -16.36
CA LYS A 499 10.94 5.61 -17.82
C LYS A 499 11.76 4.53 -18.57
N THR A 500 12.60 3.79 -17.83
CA THR A 500 13.41 2.71 -18.39
C THR A 500 13.12 1.32 -17.77
N ASP A 501 12.55 1.30 -16.56
CA ASP A 501 12.28 0.03 -15.86
C ASP A 501 10.78 -0.30 -15.90
N LYS A 502 10.41 -1.34 -16.64
CA LYS A 502 9.01 -1.67 -16.96
C LYS A 502 8.40 -2.78 -16.08
N TYR A 503 9.24 -3.39 -15.22
CA TYR A 503 8.75 -4.40 -14.33
C TYR A 503 7.90 -3.80 -13.19
N SER A 504 7.01 -4.61 -12.59
CA SER A 504 6.13 -4.18 -11.50
C SER A 504 6.88 -4.38 -10.19
N SER A 505 6.54 -3.65 -9.13
CA SER A 505 7.21 -3.81 -7.83
C SER A 505 8.74 -3.98 -8.07
N TYR A 506 9.36 -5.05 -7.54
CA TYR A 506 10.76 -5.39 -7.85
C TYR A 506 10.71 -6.92 -8.05
N PRO A 507 11.68 -7.50 -8.77
CA PRO A 507 11.52 -8.89 -9.22
C PRO A 507 11.28 -9.92 -8.13
N VAL A 508 11.97 -9.82 -6.99
CA VAL A 508 11.85 -10.85 -5.98
C VAL A 508 10.80 -10.55 -4.89
N TYR A 509 9.98 -9.54 -5.13
CA TYR A 509 8.92 -9.16 -4.19
C TYR A 509 8.11 -10.38 -3.69
N HIS A 510 8.02 -10.54 -2.36
CA HIS A 510 7.18 -11.55 -1.73
C HIS A 510 7.61 -12.98 -2.04
N THR A 511 8.89 -13.15 -2.38
CA THR A 511 9.47 -14.47 -2.58
C THR A 511 10.50 -14.80 -1.48
N ILE A 512 11.03 -16.03 -1.50
CA ILE A 512 12.09 -16.39 -0.59
C ILE A 512 13.39 -15.65 -0.86
N TYR A 513 13.50 -14.95 -1.98
CA TYR A 513 14.79 -14.36 -2.36
C TYR A 513 14.97 -12.90 -1.92
N GLU A 514 14.05 -12.39 -1.12
CA GLU A 514 14.24 -11.05 -0.45
C GLU A 514 15.13 -11.23 0.74
N THR A 515 16.44 -11.29 0.50
CA THR A 515 17.42 -11.54 1.54
C THR A 515 18.30 -10.33 1.78
N PHE A 516 18.90 -10.31 2.96
CA PHE A 516 19.89 -9.28 3.26
C PHE A 516 20.94 -9.20 2.16
N GLU A 517 21.38 -10.35 1.65
CA GLU A 517 22.45 -10.37 0.65
C GLU A 517 21.98 -9.71 -0.64
N LEU A 518 20.71 -9.87 -1.01
CA LEU A 518 20.14 -9.21 -2.19
C LEU A 518 20.28 -7.69 -2.02
N VAL A 519 19.88 -7.17 -0.85
CA VAL A 519 19.89 -5.73 -0.64
C VAL A 519 21.34 -5.21 -0.67
N GLU A 520 22.25 -5.87 0.06
CA GLU A 520 23.61 -5.36 0.13
C GLU A 520 24.35 -5.52 -1.18
N LYS A 521 24.15 -6.60 -1.92
CA LYS A 521 24.93 -6.76 -3.17
C LYS A 521 24.37 -5.92 -4.29
N PHE A 522 23.05 -5.90 -4.45
CA PHE A 522 22.44 -5.42 -5.70
C PHE A 522 21.74 -4.11 -5.58
N TYR A 523 21.25 -3.73 -4.39
CA TYR A 523 20.41 -2.53 -4.27
C TYR A 523 21.19 -1.34 -3.74
N ASP A 524 21.94 -1.52 -2.65
CA ASP A 524 22.49 -0.34 -1.97
C ASP A 524 23.65 -0.78 -1.08
N PRO A 525 24.80 -1.16 -1.68
CA PRO A 525 25.90 -1.69 -0.89
C PRO A 525 26.46 -0.77 0.17
N THR A 526 26.41 0.54 -0.07
CA THR A 526 26.92 1.50 0.91
C THR A 526 25.88 1.86 1.98
N PHE A 527 24.61 1.44 1.76
CA PHE A 527 23.49 1.81 2.64
C PHE A 527 23.22 3.30 2.66
N LYS A 528 23.81 4.06 1.73
CA LYS A 528 23.58 5.51 1.69
C LYS A 528 22.19 5.87 1.25
N LYS A 529 21.62 5.09 0.35
CA LYS A 529 20.25 5.41 -0.12
C LYS A 529 19.23 5.17 0.99
N GLN A 530 19.37 4.05 1.68
CA GLN A 530 18.56 3.79 2.88
C GLN A 530 18.79 4.86 3.94
N LEU A 531 20.03 5.30 4.12
CA LEU A 531 20.26 6.37 5.09
C LEU A 531 19.49 7.64 4.73
N SER A 532 19.48 8.02 3.45
CA SER A 532 18.77 9.24 3.06
C SER A 532 17.30 9.15 3.35
N VAL A 533 16.72 7.96 3.19
CA VAL A 533 15.31 7.76 3.52
C VAL A 533 15.07 7.86 5.03
N ALA A 534 15.97 7.29 5.87
CA ALA A 534 15.83 7.43 7.31
C ALA A 534 15.89 8.89 7.72
N GLN A 535 16.84 9.63 7.10
CA GLN A 535 17.00 11.05 7.44
C GLN A 535 15.73 11.82 7.09
N LEU A 536 15.13 11.54 5.92
CA LEU A 536 13.91 12.23 5.55
C LEU A 536 12.72 11.85 6.45
N ARG A 537 12.51 10.55 6.70
CA ARG A 537 11.39 10.17 7.59
C ARG A 537 11.57 10.77 8.96
N GLY A 538 12.80 10.73 9.51
CA GLY A 538 13.02 11.27 10.86
C GLY A 538 12.87 12.75 10.89
N ALA A 539 13.40 13.45 9.86
CA ALA A 539 13.24 14.91 9.85
C ALA A 539 11.80 15.37 9.70
N LEU A 540 11.00 14.61 8.94
CA LEU A 540 9.57 14.93 8.88
C LEU A 540 8.94 14.83 10.25
N VAL A 541 9.19 13.73 10.97
CA VAL A 541 8.64 13.58 12.33
C VAL A 541 9.09 14.73 13.19
N TYR A 542 10.40 15.06 13.15
CA TYR A 542 10.92 16.10 13.99
C TYR A 542 10.25 17.43 13.75
N GLU A 543 10.11 17.84 12.49
CA GLU A 543 9.53 19.15 12.24
C GLU A 543 8.08 19.19 12.62
N LEU A 544 7.34 18.11 12.40
CA LEU A 544 5.93 18.10 12.74
C LEU A 544 5.74 18.09 14.25
N VAL A 545 6.63 17.44 15.00
CA VAL A 545 6.46 17.30 16.43
C VAL A 545 7.03 18.48 17.21
N ASP A 546 8.00 19.24 16.63
CA ASP A 546 8.70 20.22 17.41
C ASP A 546 8.40 21.64 17.00
N SER A 547 7.88 21.88 15.80
CA SER A 547 7.69 23.27 15.36
C SER A 547 6.57 23.93 16.15
N LYS A 548 6.71 25.18 16.55
CA LYS A 548 5.63 25.86 17.26
C LYS A 548 4.37 25.91 16.39
N ILE A 549 4.49 26.35 15.13
CA ILE A 549 3.37 26.32 14.19
C ILE A 549 3.47 25.08 13.33
N ILE A 550 2.42 24.28 13.29
CA ILE A 550 2.45 23.06 12.49
C ILE A 550 2.82 23.40 11.04
N PRO A 551 3.82 22.72 10.43
CA PRO A 551 4.34 23.14 9.10
C PRO A 551 3.52 22.53 7.96
N PHE A 552 2.23 22.84 7.91
CA PHE A 552 1.38 22.51 6.73
C PHE A 552 1.14 23.77 5.90
N ASN A 553 0.88 23.60 4.61
CA ASN A 553 0.45 24.76 3.81
C ASN A 553 -0.88 24.44 3.15
N ILE A 554 -1.90 25.23 3.46
CA ILE A 554 -3.22 24.90 2.94
CA ILE A 554 -3.28 25.01 3.00
C ILE A 554 -3.46 25.51 1.57
N GLN A 555 -2.67 26.52 1.17
CA GLN A 555 -2.79 26.99 -0.20
C GLN A 555 -2.33 25.92 -1.18
N ASP A 556 -1.38 25.05 -0.80
CA ASP A 556 -1.04 23.91 -1.68
C ASP A 556 -2.24 22.95 -1.79
N TYR A 557 -3.07 22.79 -0.76
CA TYR A 557 -4.27 21.96 -0.88
C TYR A 557 -5.24 22.66 -1.84
N ALA A 558 -5.36 23.99 -1.76
CA ALA A 558 -6.29 24.69 -2.65
C ALA A 558 -5.90 24.47 -4.09
N GLU A 559 -4.59 24.52 -4.39
CA GLU A 559 -4.13 24.29 -5.78
CA GLU A 559 -4.10 24.28 -5.76
C GLU A 559 -4.40 22.86 -6.21
N ALA A 560 -4.19 21.90 -5.31
CA ALA A 560 -4.46 20.52 -5.65
C ALA A 560 -5.94 20.36 -5.99
N LEU A 561 -6.86 20.95 -5.19
CA LEU A 561 -8.31 20.80 -5.46
C LEU A 561 -8.65 21.39 -6.83
N LYS A 562 -7.97 22.48 -7.22
CA LYS A 562 -8.25 23.07 -8.56
C LYS A 562 -7.87 22.05 -9.62
N ASN A 563 -6.71 21.38 -9.46
CA ASN A 563 -6.31 20.38 -10.45
C ASN A 563 -7.28 19.21 -10.46
N TYR A 564 -7.70 18.71 -9.30
CA TYR A 564 -8.59 17.57 -9.31
C TYR A 564 -9.95 17.91 -9.87
N ALA A 565 -10.43 19.12 -9.65
CA ALA A 565 -11.73 19.52 -10.21
C ALA A 565 -11.63 19.61 -11.71
N ALA A 566 -10.54 20.18 -12.25
CA ALA A 566 -10.36 20.22 -13.71
C ALA A 566 -10.31 18.79 -14.26
N SER A 567 -9.63 17.86 -13.59
CA SER A 567 -9.51 16.48 -14.07
C SER A 567 -10.84 15.76 -14.14
N ILE A 568 -11.68 15.87 -13.10
CA ILE A 568 -12.95 15.15 -13.09
C ILE A 568 -13.89 15.79 -14.09
N TYR A 569 -13.84 17.10 -14.23
CA TYR A 569 -14.67 17.75 -15.26
C TYR A 569 -14.22 17.31 -16.63
N ASN A 570 -12.91 17.23 -16.87
CA ASN A 570 -12.42 16.81 -18.21
C ASN A 570 -12.90 15.40 -18.51
N LEU A 571 -12.95 14.53 -17.52
N LEU A 571 -12.93 14.50 -17.52
CA LEU A 571 -13.35 13.15 -17.73
CA LEU A 571 -13.41 13.12 -17.75
C LEU A 571 -14.86 13.03 -18.00
C LEU A 571 -14.84 13.13 -18.20
N SER A 572 -15.60 14.11 -17.73
CA SER A 572 -17.02 14.15 -18.00
C SER A 572 -17.36 14.72 -19.38
N LYS A 573 -16.40 15.34 -20.07
CA LYS A 573 -16.68 16.01 -21.37
C LYS A 573 -17.19 15.09 -22.45
N LYS A 574 -16.73 13.86 -22.48
CA LYS A 574 -17.23 12.96 -23.52
C LYS A 574 -18.71 12.61 -23.30
N HIS A 575 -19.28 12.97 -22.13
CA HIS A 575 -20.72 12.76 -21.84
C HIS A 575 -21.49 14.06 -21.86
N ASP A 576 -20.94 15.11 -22.49
CA ASP A 576 -21.58 16.41 -22.42
C ASP A 576 -23.07 16.41 -22.75
N GLN A 577 -23.51 15.73 -23.83
CA GLN A 577 -24.95 15.70 -24.12
C GLN A 577 -25.75 15.09 -22.96
N GLN A 578 -25.22 14.04 -22.33
CA GLN A 578 -25.93 13.40 -21.21
C GLN A 578 -25.94 14.31 -20.00
N LEU A 579 -24.87 15.08 -19.79
CA LEU A 579 -24.89 16.05 -18.69
C LEU A 579 -26.01 17.07 -18.87
N THR A 580 -26.16 17.55 -20.11
CA THR A 580 -27.25 18.50 -20.38
C THR A 580 -28.63 17.84 -20.21
N ASP A 581 -28.80 16.65 -20.78
CA ASP A 581 -30.10 15.96 -20.75
C ASP A 581 -30.56 15.57 -19.35
N HIS A 582 -29.59 15.23 -18.47
CA HIS A 582 -29.93 14.81 -17.11
C HIS A 582 -29.75 15.92 -16.07
N GLY A 583 -29.45 17.13 -16.53
CA GLY A 583 -29.33 18.30 -15.67
C GLY A 583 -28.18 18.18 -14.66
N VAL A 584 -27.02 17.68 -15.14
CA VAL A 584 -25.85 17.45 -14.29
C VAL A 584 -24.91 18.62 -14.50
N SER A 585 -24.50 19.29 -13.44
CA SER A 585 -23.56 20.43 -13.53
CA SER A 585 -23.51 20.36 -13.58
C SER A 585 -22.47 20.31 -12.48
N PHE A 586 -21.26 20.71 -12.85
CA PHE A 586 -20.13 20.77 -11.92
C PHE A 586 -20.02 22.17 -11.30
N ASP A 587 -20.97 23.08 -11.53
CA ASP A 587 -20.84 24.45 -11.04
C ASP A 587 -20.62 24.49 -9.53
N SER A 588 -21.35 23.68 -8.75
CA SER A 588 -21.19 23.79 -7.30
C SER A 588 -19.80 23.37 -6.86
N LEU A 589 -19.20 22.37 -7.54
CA LEU A 589 -17.87 21.91 -7.19
C LEU A 589 -16.87 23.02 -7.48
N PHE A 590 -16.95 23.65 -8.66
CA PHE A 590 -16.00 24.75 -8.94
C PHE A 590 -16.22 25.93 -7.99
N SER A 591 -17.47 26.20 -7.57
CA SER A 591 -17.73 27.28 -6.64
C SER A 591 -17.13 26.96 -5.26
N ALA A 592 -17.25 25.71 -4.80
CA ALA A 592 -16.68 25.33 -3.52
C ALA A 592 -15.16 25.46 -3.59
N VAL A 593 -14.54 25.02 -4.68
CA VAL A 593 -13.07 25.10 -4.83
C VAL A 593 -12.63 26.55 -4.81
N LYS A 594 -13.35 27.46 -5.48
CA LYS A 594 -13.04 28.89 -5.42
C LYS A 594 -13.12 29.40 -3.98
N ASN A 595 -14.19 29.00 -3.30
CA ASN A 595 -14.34 29.46 -1.92
C ASN A 595 -13.25 28.91 -1.00
N PHE A 596 -12.86 27.66 -1.21
CA PHE A 596 -11.75 27.11 -0.44
C PHE A 596 -10.45 27.87 -0.71
N SER A 597 -10.19 28.21 -1.97
CA SER A 597 -8.95 28.92 -2.26
C SER A 597 -8.89 30.27 -1.57
N GLU A 598 -10.02 30.98 -1.55
CA GLU A 598 -10.10 32.24 -0.83
CA GLU A 598 -10.11 32.25 -0.83
C GLU A 598 -9.89 32.06 0.66
N ALA A 599 -10.53 31.05 1.23
CA ALA A 599 -10.40 30.80 2.69
C ALA A 599 -8.95 30.40 3.03
N ALA A 600 -8.28 29.62 2.19
CA ALA A 600 -6.90 29.19 2.44
C ALA A 600 -5.93 30.37 2.37
N SER A 601 -6.16 31.28 1.40
CA SER A 601 -5.35 32.46 1.27
C SER A 601 -5.56 33.34 2.50
N ASP A 602 -6.82 33.58 2.89
CA ASP A 602 -7.09 34.40 4.05
C ASP A 602 -6.50 33.77 5.33
N PHE A 603 -6.54 32.44 5.44
CA PHE A 603 -6.00 31.79 6.61
C PHE A 603 -4.50 32.05 6.71
N HIS A 604 -3.76 31.87 5.62
CA HIS A 604 -2.31 32.10 5.66
C HIS A 604 -1.96 33.55 5.91
N LYS A 605 -2.79 34.47 5.41
CA LYS A 605 -2.57 35.88 5.70
C LYS A 605 -2.72 36.13 7.21
N ARG A 606 -3.67 35.49 7.87
CA ARG A 606 -3.82 35.67 9.30
C ARG A 606 -2.74 34.90 10.07
N LEU A 607 -2.32 33.74 9.55
CA LEU A 607 -1.34 32.92 10.28
C LEU A 607 -0.03 33.66 10.46
N ILE A 608 0.40 34.45 9.47
CA ILE A 608 1.69 35.14 9.64
C ILE A 608 1.59 36.25 10.71
N GLN A 609 0.37 36.65 11.08
CA GLN A 609 0.16 37.69 12.07
C GLN A 609 0.02 37.16 13.48
N VAL A 610 -0.02 35.84 13.67
CA VAL A 610 -0.31 35.31 15.02
C VAL A 610 0.75 35.76 16.02
N ASP A 611 0.29 36.08 17.25
CA ASP A 611 1.26 36.44 18.30
C ASP A 611 1.89 35.15 18.83
N LEU A 612 3.14 34.87 18.47
CA LEU A 612 3.76 33.61 18.81
C LEU A 612 3.98 33.49 20.30
N ASN A 613 3.88 34.62 21.02
CA ASN A 613 4.02 34.54 22.48
C ASN A 613 2.69 34.42 23.19
N ASN A 614 1.61 34.20 22.45
CA ASN A 614 0.30 34.04 23.06
C ASN A 614 -0.12 32.58 22.85
N PRO A 615 0.01 31.75 23.88
CA PRO A 615 -0.16 30.30 23.64
C PRO A 615 -1.56 29.93 23.15
N ILE A 616 -2.63 30.59 23.62
CA ILE A 616 -3.96 30.22 23.08
C ILE A 616 -4.14 30.66 21.65
N ALA A 617 -3.58 31.80 21.27
CA ALA A 617 -3.67 32.21 19.85
C ALA A 617 -3.00 31.19 18.96
N VAL A 618 -1.80 30.76 19.39
CA VAL A 618 -1.06 29.75 18.63
C VAL A 618 -1.85 28.42 18.57
N ARG A 619 -2.36 27.98 19.71
CA ARG A 619 -3.08 26.71 19.75
C ARG A 619 -4.34 26.74 18.88
N MET A 620 -5.05 27.88 18.86
CA MET A 620 -6.26 27.92 18.01
C MET A 620 -5.92 27.78 16.54
N MET A 621 -4.86 28.44 16.09
CA MET A 621 -4.48 28.25 14.69
C MET A 621 -3.89 26.90 14.39
N ASN A 622 -3.12 26.32 15.33
CA ASN A 622 -2.65 24.94 15.16
C ASN A 622 -3.82 23.95 15.10
N ASP A 623 -4.89 24.20 15.83
CA ASP A 623 -6.05 23.31 15.75
C ASP A 623 -6.66 23.40 14.39
N GLN A 624 -6.70 24.59 13.79
CA GLN A 624 -7.22 24.70 12.42
C GLN A 624 -6.34 23.97 11.40
N LEU A 625 -5.03 24.07 11.56
CA LEU A 625 -4.12 23.32 10.72
C LEU A 625 -4.31 21.81 10.91
N MET A 626 -4.41 21.34 12.14
CA MET A 626 -4.56 19.92 12.44
C MET A 626 -5.88 19.38 11.95
N LEU A 627 -6.93 20.15 12.07
CA LEU A 627 -8.28 19.62 11.79
C LEU A 627 -8.72 19.82 10.32
N LEU A 628 -7.85 20.44 9.52
CA LEU A 628 -8.25 20.66 8.12
C LEU A 628 -8.45 19.34 7.38
N GLU A 629 -7.49 18.41 7.48
CA GLU A 629 -7.64 17.12 6.78
C GLU A 629 -8.88 16.40 7.26
N ARG A 630 -9.25 16.58 8.55
CA ARG A 630 -10.42 15.90 9.09
C ARG A 630 -11.70 16.38 8.45
N ALA A 631 -11.70 17.62 7.94
CA ALA A 631 -12.95 18.15 7.37
C ALA A 631 -13.35 17.39 6.14
N PHE A 632 -12.43 16.68 5.48
CA PHE A 632 -12.74 15.91 4.27
C PHE A 632 -13.34 14.53 4.57
N ILE A 633 -13.47 14.15 5.84
CA ILE A 633 -13.97 12.84 6.23
C ILE A 633 -15.47 12.86 6.38
N ASP A 634 -16.14 11.98 5.63
CA ASP A 634 -17.60 11.88 5.73
C ASP A 634 -17.93 10.59 6.47
N PRO A 635 -18.59 10.68 7.65
CA PRO A 635 -18.85 9.49 8.43
C PRO A 635 -19.74 8.51 7.68
N LEU A 636 -20.46 8.94 6.65
CA LEU A 636 -21.32 8.02 5.90
C LEU A 636 -20.52 7.14 4.95
N GLY A 637 -19.22 7.46 4.73
CA GLY A 637 -18.38 6.67 3.84
C GLY A 637 -18.71 6.86 2.40
N LEU A 638 -18.05 6.08 1.55
CA LEU A 638 -18.28 6.04 0.11
C LEU A 638 -19.20 4.89 -0.17
N PRO A 639 -19.84 4.85 -1.36
CA PRO A 639 -20.82 3.79 -1.65
C PRO A 639 -20.26 2.40 -1.48
N GLY A 640 -20.89 1.57 -0.65
CA GLY A 640 -20.44 0.21 -0.39
C GLY A 640 -19.20 0.11 0.46
N LYS A 641 -18.65 1.24 0.96
CA LYS A 641 -17.31 1.24 1.60
C LYS A 641 -17.38 2.16 2.83
N LEU A 642 -17.84 1.58 3.92
CA LEU A 642 -17.99 2.31 5.18
C LEU A 642 -16.69 2.86 5.71
N PHE A 643 -15.55 2.30 5.32
CA PHE A 643 -14.27 2.58 5.95
C PHE A 643 -13.34 3.40 5.08
N TYR A 644 -13.83 3.80 3.88
CA TYR A 644 -13.15 4.85 3.09
C TYR A 644 -14.02 6.08 3.17
N ARG A 645 -13.55 7.07 3.91
CA ARG A 645 -14.37 8.20 4.31
C ARG A 645 -13.88 9.53 3.70
N HIS A 646 -12.69 9.53 3.10
CA HIS A 646 -12.12 10.80 2.60
C HIS A 646 -12.79 11.10 1.27
N ILE A 647 -13.33 12.31 1.12
CA ILE A 647 -14.05 12.69 -0.09
C ILE A 647 -13.10 13.12 -1.21
N ILE A 648 -11.89 13.54 -0.88
CA ILE A 648 -10.97 13.97 -1.93
C ILE A 648 -10.17 12.82 -2.48
N PHE A 649 -9.79 11.86 -1.63
CA PHE A 649 -8.95 10.74 -2.07
C PHE A 649 -9.59 9.43 -1.63
N ALA A 650 -9.45 8.36 -2.42
CA ALA A 650 -9.65 7.01 -1.88
C ALA A 650 -8.77 6.08 -2.67
N PRO A 651 -8.49 4.90 -2.13
CA PRO A 651 -7.85 3.87 -3.00
C PRO A 651 -8.74 3.62 -4.21
N SER A 652 -8.16 3.44 -5.39
CA SER A 652 -8.97 3.18 -6.57
C SER A 652 -9.75 1.90 -6.39
N SER A 653 -11.00 1.92 -6.87
CA SER A 653 -11.81 0.71 -6.84
C SER A 653 -11.31 -0.38 -7.77
N HIS A 654 -10.41 -0.01 -8.68
CA HIS A 654 -9.85 -0.94 -9.67
C HIS A 654 -8.47 -1.40 -9.29
N ASN A 655 -7.86 -0.77 -8.30
CA ASN A 655 -6.47 -1.05 -7.92
C ASN A 655 -6.21 -0.39 -6.59
N LYS A 656 -6.29 -1.11 -5.47
CA LYS A 656 -6.17 -0.43 -4.18
C LYS A 656 -4.83 0.27 -3.97
N TYR A 657 -3.79 -0.12 -4.69
CA TYR A 657 -2.51 0.55 -4.56
C TYR A 657 -2.51 1.99 -5.05
N ALA A 658 -3.42 2.34 -5.96
CA ALA A 658 -3.42 3.67 -6.57
C ALA A 658 -4.39 4.59 -5.84
N GLY A 659 -4.04 5.84 -5.67
CA GLY A 659 -5.02 6.81 -5.14
C GLY A 659 -5.85 7.37 -6.26
N GLU A 660 -7.12 7.63 -5.99
CA GLU A 660 -8.01 8.28 -6.95
C GLU A 660 -8.52 9.57 -6.32
N SER A 661 -8.58 10.65 -7.07
CA SER A 661 -9.18 11.90 -6.58
C SER A 661 -10.67 11.94 -6.89
N PHE A 662 -11.41 12.68 -6.06
CA PHE A 662 -12.87 12.71 -6.12
C PHE A 662 -13.44 11.32 -6.40
N PRO A 663 -13.15 10.35 -5.53
CA PRO A 663 -13.54 8.95 -5.77
C PRO A 663 -15.04 8.74 -5.91
N GLY A 664 -15.83 9.51 -5.17
CA GLY A 664 -17.29 9.30 -5.31
C GLY A 664 -17.77 9.70 -6.68
N ILE A 665 -17.25 10.79 -7.22
CA ILE A 665 -17.65 11.21 -8.57
C ILE A 665 -17.05 10.27 -9.59
N TYR A 666 -15.78 9.95 -9.45
CA TYR A 666 -15.11 9.07 -10.41
C TYR A 666 -15.86 7.74 -10.55
N ASP A 667 -16.20 7.09 -9.46
CA ASP A 667 -16.85 5.81 -9.53
C ASP A 667 -18.26 5.95 -10.10
N ALA A 668 -18.93 7.06 -9.83
CA ALA A 668 -20.27 7.25 -10.37
C ALA A 668 -20.24 7.41 -11.88
N ILE A 669 -19.21 8.06 -12.41
CA ILE A 669 -19.13 8.28 -13.88
C ILE A 669 -18.44 7.12 -14.61
N PHE A 670 -17.66 6.30 -13.94
CA PHE A 670 -16.95 5.23 -14.62
C PHE A 670 -17.88 4.27 -15.33
N ASP A 671 -17.60 4.03 -16.61
CA ASP A 671 -18.36 3.10 -17.47
C ASP A 671 -19.84 3.43 -17.47
N ILE A 672 -20.20 4.71 -17.28
CA ILE A 672 -21.61 5.06 -17.12
C ILE A 672 -22.41 4.75 -18.37
N GLU A 673 -21.78 4.78 -19.55
CA GLU A 673 -22.51 4.54 -20.81
C GLU A 673 -23.06 3.10 -20.84
N ASN A 674 -22.51 2.20 -20.04
CA ASN A 674 -22.99 0.84 -19.98
C ASN A 674 -23.93 0.48 -18.83
N LYS A 675 -24.30 1.48 -18.01
CA LYS A 675 -25.26 1.22 -16.94
C LYS A 675 -26.63 0.96 -17.51
N ALA A 676 -27.36 0.02 -16.92
CA ALA A 676 -28.69 -0.31 -17.42
C ALA A 676 -29.70 0.84 -17.38
N ASN A 677 -29.65 1.62 -16.30
CA ASN A 677 -30.63 2.67 -16.07
C ASN A 677 -29.91 4.03 -16.04
N SER A 678 -29.96 4.76 -17.14
CA SER A 678 -29.20 6.02 -17.26
C SER A 678 -29.74 7.08 -16.34
N ARG A 679 -31.04 7.13 -16.11
CA ARG A 679 -31.59 8.15 -15.21
C ARG A 679 -31.04 7.96 -13.80
N LEU A 680 -31.03 6.72 -13.31
CA LEU A 680 -30.51 6.44 -11.99
C LEU A 680 -29.01 6.73 -11.96
N ALA A 681 -28.30 6.33 -13.01
CA ALA A 681 -26.85 6.48 -13.01
C ALA A 681 -26.46 7.95 -12.92
N TRP A 682 -27.10 8.83 -13.70
CA TRP A 682 -26.74 10.25 -13.67
C TRP A 682 -27.17 10.91 -12.36
N LYS A 683 -28.24 10.44 -11.74
CA LYS A 683 -28.58 10.96 -10.40
C LYS A 683 -27.50 10.62 -9.38
N GLU A 684 -26.86 9.47 -9.51
CA GLU A 684 -25.74 9.16 -8.63
C GLU A 684 -24.55 10.10 -8.86
N VAL A 685 -24.30 10.48 -10.12
CA VAL A 685 -23.25 11.44 -10.39
C VAL A 685 -23.60 12.76 -9.71
N LYS A 686 -24.85 13.20 -9.86
CA LYS A 686 -25.24 14.44 -9.21
C LYS A 686 -25.11 14.37 -7.70
N LYS A 687 -25.43 13.22 -7.09
CA LYS A 687 -25.27 13.07 -5.63
CA LYS A 687 -25.28 13.10 -5.64
C LYS A 687 -23.83 13.31 -5.24
N HIS A 688 -22.90 12.66 -5.93
CA HIS A 688 -21.52 12.74 -5.48
C HIS A 688 -20.85 14.06 -5.82
N ILE A 689 -21.29 14.77 -6.87
CA ILE A 689 -20.84 16.12 -7.07
C ILE A 689 -21.31 16.98 -5.92
N SER A 690 -22.57 16.86 -5.49
CA SER A 690 -23.08 17.63 -4.39
C SER A 690 -22.38 17.36 -3.06
N ILE A 691 -22.07 16.10 -2.78
CA ILE A 691 -21.33 15.76 -1.57
C ILE A 691 -19.92 16.39 -1.64
N ALA A 692 -19.23 16.32 -2.78
CA ALA A 692 -17.90 16.90 -2.87
C ALA A 692 -17.93 18.39 -2.70
N ALA A 693 -18.92 19.07 -3.29
CA ALA A 693 -19.00 20.52 -3.15
C ALA A 693 -19.26 20.89 -1.72
N PHE A 694 -20.21 20.21 -1.04
CA PHE A 694 -20.46 20.49 0.37
C PHE A 694 -19.19 20.30 1.20
N THR A 695 -18.47 19.20 0.94
CA THR A 695 -17.37 18.86 1.84
C THR A 695 -16.27 19.89 1.72
N ILE A 696 -15.97 20.32 0.48
CA ILE A 696 -14.92 21.35 0.33
C ILE A 696 -15.37 22.69 0.91
N GLN A 697 -16.66 23.05 0.77
CA GLN A 697 -17.13 24.25 1.41
C GLN A 697 -17.07 24.17 2.92
N ALA A 698 -17.40 22.99 3.47
CA ALA A 698 -17.30 22.82 4.94
C ALA A 698 -15.87 22.96 5.40
N ALA A 699 -14.95 22.34 4.66
CA ALA A 699 -13.52 22.47 5.00
C ALA A 699 -13.09 23.92 4.94
N ALA A 700 -13.51 24.66 3.94
CA ALA A 700 -13.22 26.10 3.87
C ALA A 700 -13.76 26.79 5.10
N GLY A 701 -14.95 26.40 5.54
CA GLY A 701 -15.55 27.00 6.72
C GLY A 701 -14.74 26.81 7.98
N THR A 702 -13.97 25.74 8.09
CA THR A 702 -13.17 25.51 9.29
C THR A 702 -11.98 26.48 9.36
N LEU A 703 -11.63 27.14 8.26
CA LEU A 703 -10.50 28.09 8.25
C LEU A 703 -10.92 29.47 8.57
N LYS A 704 -12.20 29.78 8.57
CA LYS A 704 -12.67 31.14 8.72
C LYS A 704 -12.45 31.66 10.12
N GLU A 705 -12.24 32.98 10.19
CA GLU A 705 -12.03 33.60 11.46
C GLU A 705 -13.32 33.76 12.22
N VAL A 706 -14.40 34.05 11.52
CA VAL A 706 -15.67 34.24 12.25
C VAL A 706 -16.78 33.80 11.35
#